data_6L06
#
_entry.id   6L06
#
_cell.length_a   156.882
_cell.length_b   172.012
_cell.length_c   80.588
_cell.angle_alpha   90.000
_cell.angle_beta   90.000
_cell.angle_gamma   90.000
#
_symmetry.space_group_name_H-M   'P 21 21 2'
#
loop_
_entity.id
_entity.type
_entity.pdbx_description
1 polymer 'Phosphatidylserine decarboxylase beta chain'
2 polymer 'Phosphatidylserine decarboxylase alpha chain'
#
loop_
_entity_poly.entity_id
_entity_poly.type
_entity_poly.pdbx_seq_one_letter_code
_entity_poly.pdbx_strand_id
1 'polypeptide(L)'
;MGSSHHHHHHSQDPMLNSFKLSLQYILPKLWLTRLAGWGASKRAGWLTKLVIDLFVKYYKVDMKEAQKPDTASYRTFNEF
FVRPLRDEVRPIDTDPNVLVMPADGVISQLGKIEEDKILQAKGHNYSLEALLAGNYLMADLFRNGTFVTTYLSPRDYHRV
HMPCNGILREMIYVPGDLFSVNHLTAQNVPNLFARNERVICLFDTEFGPMAQILVGATIVGSIETVWAGTITPPREGIIK
RWTWPAGENDGSVALLKGQEMGRFKLG
;
A,B,C,D
2 'polypeptide(L)' (PYR)TVINLFAPGKVNLVEQLESLSVTKIGQPLAVSTET E,F,G,H
#
# COMPACT_ATOMS: atom_id res chain seq x y z
N ASP A 13 -9.86 56.00 10.02
CA ASP A 13 -10.59 54.80 10.39
C ASP A 13 -10.06 53.62 9.59
N PRO A 14 -10.18 53.65 8.25
CA PRO A 14 -9.60 52.52 7.49
C PRO A 14 -8.08 52.43 7.67
N MET A 15 -7.42 53.52 8.06
CA MET A 15 -5.97 53.45 8.23
C MET A 15 -5.59 53.36 9.71
N LEU A 16 -6.41 53.95 10.57
CA LEU A 16 -6.33 53.56 11.97
C LEU A 16 -6.34 52.04 12.07
N ASN A 17 -7.28 51.42 11.36
CA ASN A 17 -7.46 49.97 11.45
C ASN A 17 -6.30 49.22 10.83
N SER A 18 -5.72 49.75 9.74
CA SER A 18 -4.56 49.08 9.16
C SER A 18 -3.33 49.20 10.05
N PHE A 19 -3.35 50.14 10.99
CA PHE A 19 -2.37 50.15 12.07
C PHE A 19 -2.73 49.10 13.12
N LYS A 20 -4.01 49.06 13.53
CA LYS A 20 -4.49 48.02 14.42
C LYS A 20 -4.15 46.63 13.90
N LEU A 21 -4.20 46.44 12.58
CA LEU A 21 -3.89 45.12 12.03
C LEU A 21 -2.40 44.91 11.84
N SER A 22 -1.63 45.96 11.58
CA SER A 22 -0.18 45.78 11.64
C SER A 22 0.24 45.36 13.05
N LEU A 23 -0.45 45.89 14.06
CA LEU A 23 -0.26 45.45 15.45
C LEU A 23 -0.47 43.94 15.57
N GLN A 24 -1.58 43.43 15.02
CA GLN A 24 -1.77 41.99 14.91
C GLN A 24 -0.55 41.30 14.29
N TYR A 25 0.02 41.89 13.24
CA TYR A 25 1.10 41.22 12.53
C TYR A 25 2.45 41.40 13.22
N ILE A 26 2.57 42.33 14.17
CA ILE A 26 3.86 42.75 14.69
C ILE A 26 4.10 42.28 16.12
N LEU A 27 3.07 42.34 16.99
CA LEU A 27 3.27 41.94 18.39
C LEU A 27 3.41 40.43 18.48
N PRO A 28 4.30 39.93 19.34
CA PRO A 28 4.58 38.50 19.34
C PRO A 28 3.47 37.74 20.06
N LYS A 29 2.56 37.16 19.27
CA LYS A 29 1.30 36.64 19.80
C LYS A 29 1.51 35.43 20.71
N LEU A 30 2.43 34.53 20.34
CA LEU A 30 2.66 33.36 21.17
C LEU A 30 3.30 33.74 22.50
N TRP A 31 4.29 34.63 22.47
CA TRP A 31 4.92 35.06 23.71
C TRP A 31 3.91 35.68 24.66
N LEU A 32 3.05 36.58 24.16
CA LEU A 32 2.05 37.18 25.02
C LEU A 32 1.12 36.12 25.61
N THR A 33 0.88 35.05 24.86
CA THR A 33 -0.02 34.00 25.33
C THR A 33 0.63 33.21 26.45
N ARG A 34 1.91 32.84 26.28
CA ARG A 34 2.59 32.10 27.34
C ARG A 34 2.72 32.95 28.60
N LEU A 35 2.84 34.28 28.44
CA LEU A 35 2.90 35.15 29.60
C LEU A 35 1.55 35.21 30.32
N ALA A 36 0.48 35.45 29.58
CA ALA A 36 -0.85 35.46 30.18
C ALA A 36 -1.12 34.14 30.89
N GLY A 37 -0.91 33.02 30.19
CA GLY A 37 -1.14 31.74 30.81
C GLY A 37 -0.25 31.48 31.99
N TRP A 38 0.97 32.02 31.96
CA TRP A 38 1.85 31.86 33.11
C TRP A 38 1.24 32.50 34.35
N GLY A 39 0.77 33.75 34.21
CA GLY A 39 0.19 34.44 35.34
C GLY A 39 -1.20 33.98 35.72
N ALA A 40 -1.98 33.52 34.75
CA ALA A 40 -3.32 33.00 35.04
C ALA A 40 -3.30 31.63 35.70
N SER A 41 -2.15 30.96 35.69
CA SER A 41 -1.95 29.72 36.42
C SER A 41 -1.53 29.95 37.87
N LYS A 42 -1.05 31.14 38.22
CA LYS A 42 -0.52 31.38 39.54
C LYS A 42 -1.61 31.71 40.53
N ARG A 43 -1.48 31.15 41.73
CA ARG A 43 -2.36 31.42 42.87
C ARG A 43 -1.79 32.60 43.66
N ALA A 44 -1.98 33.79 43.10
CA ALA A 44 -1.56 35.01 43.73
C ALA A 44 -2.71 35.53 44.57
N GLY A 45 -2.39 36.29 45.61
CA GLY A 45 -3.44 36.51 46.60
C GLY A 45 -4.44 37.52 46.11
N TRP A 46 -4.34 38.73 46.66
CA TRP A 46 -5.13 39.85 46.17
C TRP A 46 -4.87 40.12 44.69
N LEU A 47 -3.72 39.71 44.15
CA LEU A 47 -3.42 40.02 42.76
C LEU A 47 -4.41 39.36 41.81
N THR A 48 -4.63 38.03 41.95
CA THR A 48 -5.57 37.42 41.03
C THR A 48 -6.98 37.93 41.27
N LYS A 49 -7.32 38.30 42.50
CA LYS A 49 -8.65 38.86 42.67
C LYS A 49 -8.75 40.23 42.02
N LEU A 50 -7.71 41.05 42.16
CA LEU A 50 -7.69 42.37 41.51
C LEU A 50 -7.88 42.25 40.01
N VAL A 51 -7.12 41.34 39.38
CA VAL A 51 -7.20 41.19 37.93
C VAL A 51 -8.58 40.69 37.51
N ILE A 52 -9.14 39.74 38.27
CA ILE A 52 -10.50 39.26 37.98
C ILE A 52 -11.49 40.40 38.06
N ASP A 53 -11.39 41.22 39.11
CA ASP A 53 -12.38 42.26 39.33
C ASP A 53 -12.39 43.28 38.21
N LEU A 54 -11.20 43.72 37.79
CA LEU A 54 -11.10 44.66 36.68
C LEU A 54 -11.63 44.03 35.39
N PHE A 55 -11.19 42.80 35.11
CA PHE A 55 -11.75 42.04 33.99
C PHE A 55 -13.28 42.04 34.05
N VAL A 56 -13.84 41.76 35.23
CA VAL A 56 -15.29 41.72 35.38
C VAL A 56 -15.90 43.09 35.08
N LYS A 57 -15.36 44.15 35.71
CA LYS A 57 -15.85 45.50 35.43
C LYS A 57 -15.71 45.85 33.95
N TYR A 58 -14.49 45.69 33.41
CA TYR A 58 -14.24 46.13 32.04
C TYR A 58 -15.17 45.45 31.05
N TYR A 59 -15.23 44.12 31.10
CA TYR A 59 -15.98 43.35 30.11
C TYR A 59 -17.43 43.16 30.49
N LYS A 60 -17.86 43.72 31.62
CA LYS A 60 -19.25 43.61 32.06
C LYS A 60 -19.67 42.15 32.20
N VAL A 61 -18.77 41.33 32.76
CA VAL A 61 -19.08 39.94 33.12
C VAL A 61 -20.30 39.94 34.02
N ASP A 62 -21.09 38.87 33.98
CA ASP A 62 -22.28 38.73 34.83
C ASP A 62 -22.04 37.59 35.82
N MET A 63 -21.53 37.93 37.00
CA MET A 63 -21.24 36.91 38.01
C MET A 63 -22.48 36.31 38.65
N LYS A 64 -23.66 36.90 38.43
CA LYS A 64 -24.85 36.31 39.01
C LYS A 64 -25.17 34.98 38.36
N GLU A 65 -24.77 34.79 37.11
CA GLU A 65 -24.93 33.49 36.46
C GLU A 65 -23.92 32.47 36.96
N ALA A 66 -22.81 32.90 37.55
CA ALA A 66 -21.80 31.95 38.00
C ALA A 66 -22.31 31.12 39.18
N GLN A 67 -21.96 29.84 39.17
CA GLN A 67 -22.19 28.97 40.33
C GLN A 67 -21.63 29.59 41.61
N LYS A 68 -20.39 30.04 41.55
CA LYS A 68 -19.75 30.76 42.64
C LYS A 68 -19.66 32.23 42.26
N PRO A 69 -20.60 33.07 42.71
CA PRO A 69 -20.67 34.46 42.23
C PRO A 69 -19.71 35.42 42.90
N ASP A 70 -18.83 34.95 43.78
CA ASP A 70 -17.92 35.82 44.50
C ASP A 70 -16.54 35.68 43.86
N THR A 71 -16.00 36.78 43.35
CA THR A 71 -14.70 36.70 42.70
C THR A 71 -13.60 36.29 43.66
N ALA A 72 -13.89 36.30 44.97
CA ALA A 72 -12.90 35.91 45.96
C ALA A 72 -12.69 34.40 46.00
N SER A 73 -13.65 33.62 45.51
CA SER A 73 -13.57 32.17 45.59
C SER A 73 -12.90 31.52 44.38
N TYR A 74 -12.16 32.28 43.58
CA TYR A 74 -11.37 31.71 42.50
C TYR A 74 -9.90 31.81 42.88
N ARG A 75 -9.23 30.67 42.89
CA ARG A 75 -7.85 30.60 43.34
C ARG A 75 -6.85 31.13 42.30
N THR A 76 -7.23 31.15 41.03
CA THR A 76 -6.41 31.69 39.95
C THR A 76 -7.33 32.39 38.96
N PHE A 77 -6.72 33.21 38.08
CA PHE A 77 -7.51 33.83 37.02
C PHE A 77 -8.11 32.77 36.09
N ASN A 78 -7.34 31.73 35.78
CA ASN A 78 -7.86 30.73 34.86
C ASN A 78 -9.08 30.03 35.44
N GLU A 79 -9.03 29.70 36.75
CA GLU A 79 -10.20 29.11 37.38
C GLU A 79 -11.41 30.00 37.25
N PHE A 80 -11.23 31.31 37.41
CA PHE A 80 -12.33 32.23 37.12
C PHE A 80 -12.71 32.18 35.65
N PHE A 81 -11.69 32.21 34.76
CA PHE A 81 -11.98 32.28 33.34
C PHE A 81 -12.79 31.08 32.87
N VAL A 82 -12.56 29.91 33.46
CA VAL A 82 -13.33 28.71 33.13
C VAL A 82 -14.47 28.45 34.12
N ARG A 83 -14.97 29.51 34.80
CA ARG A 83 -15.90 29.32 35.92
C ARG A 83 -17.14 28.50 35.51
N PRO A 84 -17.61 27.58 36.36
CA PRO A 84 -18.86 26.85 36.04
C PRO A 84 -20.08 27.75 36.17
N LEU A 85 -21.03 27.53 35.27
CA LEU A 85 -22.28 28.28 35.33
C LEU A 85 -23.29 27.59 36.28
N ARG A 86 -24.35 28.33 36.59
CA ARG A 86 -25.45 27.78 37.40
C ARG A 86 -26.25 26.82 36.54
N ASP A 87 -26.35 25.57 37.02
CA ASP A 87 -27.13 24.54 36.33
C ASP A 87 -28.51 25.05 35.92
N GLU A 88 -29.12 25.88 36.77
CA GLU A 88 -30.48 26.37 36.50
C GLU A 88 -30.54 27.32 35.31
N VAL A 89 -29.44 28.04 35.02
CA VAL A 89 -29.52 29.19 34.12
C VAL A 89 -29.37 28.85 32.64
N ARG A 90 -29.05 27.60 32.27
CA ARG A 90 -28.88 27.22 30.87
C ARG A 90 -29.67 25.94 30.59
N PRO A 91 -30.99 26.04 30.48
CA PRO A 91 -31.81 24.84 30.26
C PRO A 91 -31.65 24.28 28.85
N ILE A 92 -31.63 22.94 28.76
CA ILE A 92 -31.35 22.24 27.51
C ILE A 92 -32.65 21.82 26.86
N ASP A 93 -32.82 22.15 25.57
CA ASP A 93 -34.05 21.83 24.85
C ASP A 93 -34.25 20.32 24.75
N THR A 94 -35.41 19.86 25.23
CA THR A 94 -35.66 18.44 25.46
C THR A 94 -36.22 17.68 24.26
N ASP A 95 -36.62 18.35 23.19
CA ASP A 95 -37.02 17.64 21.98
C ASP A 95 -35.82 16.85 21.45
N PRO A 96 -35.95 15.54 21.21
CA PRO A 96 -34.82 14.78 20.66
C PRO A 96 -34.53 15.05 19.18
N ASN A 97 -35.34 15.88 18.52
CA ASN A 97 -35.15 16.14 17.11
C ASN A 97 -34.54 17.51 16.83
N VAL A 98 -34.29 18.31 17.85
CA VAL A 98 -33.59 19.58 17.68
C VAL A 98 -32.23 19.48 18.37
N LEU A 99 -31.25 20.17 17.79
CA LEU A 99 -29.89 20.23 18.31
C LEU A 99 -29.68 21.59 18.96
N VAL A 100 -28.98 21.59 20.10
CA VAL A 100 -28.81 22.81 20.89
C VAL A 100 -27.51 23.51 20.52
N MET A 101 -27.47 24.80 20.86
CA MET A 101 -26.26 25.59 20.68
C MET A 101 -25.14 25.06 21.57
N PRO A 102 -23.92 25.06 21.08
CA PRO A 102 -22.85 24.43 21.84
C PRO A 102 -22.15 25.35 22.83
N ALA A 103 -22.37 26.66 22.75
CA ALA A 103 -21.55 27.62 23.49
C ALA A 103 -22.27 28.94 23.67
N ASP A 104 -21.93 29.64 24.77
CA ASP A 104 -22.38 31.02 24.97
C ASP A 104 -21.55 31.96 24.09
N GLY A 105 -22.23 32.91 23.45
CA GLY A 105 -21.54 33.81 22.53
C GLY A 105 -22.46 34.42 21.51
N VAL A 106 -21.96 34.66 20.29
CA VAL A 106 -22.78 35.15 19.19
C VAL A 106 -22.34 34.44 17.92
N ILE A 107 -23.27 34.35 16.95
CA ILE A 107 -23.01 33.68 15.68
C ILE A 107 -22.15 34.57 14.79
N SER A 108 -21.04 34.01 14.27
CA SER A 108 -20.22 34.74 13.31
C SER A 108 -20.82 34.64 11.91
N GLN A 109 -20.82 33.42 11.37
CA GLN A 109 -21.48 33.10 10.12
C GLN A 109 -22.09 31.73 10.26
N LEU A 110 -23.08 31.45 9.41
CA LEU A 110 -23.73 30.16 9.42
C LEU A 110 -24.51 30.02 8.13
N GLY A 111 -24.71 28.79 7.71
CA GLY A 111 -25.52 28.52 6.55
C GLY A 111 -25.04 27.26 5.83
N LYS A 112 -25.06 27.33 4.51
CA LYS A 112 -24.69 26.20 3.69
C LYS A 112 -23.22 26.27 3.30
N ILE A 113 -22.56 25.12 3.36
CA ILE A 113 -21.20 24.96 2.85
C ILE A 113 -21.30 24.84 1.34
N GLU A 114 -21.07 25.96 0.64
CA GLU A 114 -21.19 26.02 -0.81
C GLU A 114 -20.05 25.25 -1.46
N GLU A 115 -20.24 23.93 -1.58
CA GLU A 115 -19.30 23.02 -2.22
C GLU A 115 -17.86 23.30 -1.75
N ASP A 116 -17.59 22.95 -0.50
CA ASP A 116 -16.25 23.04 0.08
C ASP A 116 -15.89 24.46 0.52
N LYS A 117 -16.70 25.48 0.22
CA LYS A 117 -16.37 26.86 0.57
C LYS A 117 -17.24 27.32 1.74
N ILE A 118 -16.60 27.81 2.81
CA ILE A 118 -17.29 28.33 3.98
C ILE A 118 -17.05 29.83 4.07
N LEU A 119 -18.07 30.56 4.50
CA LEU A 119 -17.98 32.01 4.61
C LEU A 119 -17.31 32.43 5.91
N GLN A 120 -16.25 33.25 5.79
CA GLN A 120 -15.59 33.86 6.95
C GLN A 120 -16.10 35.28 7.20
N ALA A 121 -15.99 36.14 6.20
CA ALA A 121 -16.68 37.42 6.16
C ALA A 121 -17.15 37.62 4.73
N LYS A 122 -18.01 38.62 4.50
CA LYS A 122 -18.52 38.79 3.14
C LYS A 122 -17.38 39.27 2.23
N GLY A 123 -17.01 38.44 1.27
CA GLY A 123 -15.80 38.67 0.50
C GLY A 123 -14.59 37.93 1.05
N HIS A 124 -14.81 36.79 1.69
CA HIS A 124 -13.71 35.98 2.24
C HIS A 124 -14.29 34.60 2.48
N ASN A 125 -13.75 33.60 1.79
CA ASN A 125 -14.13 32.22 1.99
C ASN A 125 -12.91 31.43 2.42
N TYR A 126 -13.15 30.26 3.01
CA TYR A 126 -12.06 29.34 3.29
C TYR A 126 -12.55 27.93 3.02
N SER A 127 -11.61 27.05 2.69
CA SER A 127 -11.98 25.72 2.25
C SER A 127 -12.16 24.77 3.43
N LEU A 128 -13.07 23.82 3.25
CA LEU A 128 -13.26 22.76 4.23
C LEU A 128 -11.98 21.96 4.43
N GLU A 129 -11.22 21.73 3.36
CA GLU A 129 -9.99 20.95 3.48
C GLU A 129 -8.91 21.72 4.23
N ALA A 130 -8.87 23.04 4.08
CA ALA A 130 -7.91 23.83 4.83
C ALA A 130 -8.26 23.83 6.33
N LEU A 131 -9.52 24.08 6.66
CA LEU A 131 -9.94 24.01 8.06
C LEU A 131 -9.63 22.65 8.66
N LEU A 132 -9.76 21.58 7.86
CA LEU A 132 -9.55 20.22 8.33
C LEU A 132 -8.12 19.74 8.11
N ALA A 133 -7.16 20.66 8.02
CA ALA A 133 -5.74 20.34 8.01
C ALA A 133 -5.37 19.36 6.91
N GLY A 134 -6.05 19.45 5.76
CA GLY A 134 -5.71 18.61 4.62
C GLY A 134 -6.38 17.26 4.57
N ASN A 135 -7.36 16.99 5.43
CA ASN A 135 -7.94 15.65 5.53
C ASN A 135 -9.12 15.55 4.57
N TYR A 136 -8.87 15.04 3.36
CA TYR A 136 -9.91 15.01 2.34
C TYR A 136 -11.04 14.07 2.70
N LEU A 137 -10.72 12.92 3.31
CA LEU A 137 -11.75 12.00 3.78
C LEU A 137 -12.75 12.72 4.68
N MET A 138 -12.26 13.36 5.73
CA MET A 138 -13.16 14.08 6.62
C MET A 138 -13.83 15.23 5.91
N ALA A 139 -13.11 15.90 5.00
CA ALA A 139 -13.72 16.97 4.23
C ALA A 139 -14.82 16.43 3.32
N ASP A 140 -14.73 15.15 2.92
CA ASP A 140 -15.76 14.60 2.04
C ASP A 140 -17.12 14.50 2.74
N LEU A 141 -17.12 14.18 4.04
CA LEU A 141 -18.36 13.99 4.78
C LEU A 141 -19.20 15.25 4.88
N PHE A 142 -18.61 16.44 4.70
CA PHE A 142 -19.34 17.68 4.93
C PHE A 142 -19.42 18.58 3.71
N ARG A 143 -18.88 18.15 2.56
CA ARG A 143 -19.01 18.93 1.34
C ARG A 143 -20.48 19.15 1.00
N ASN A 144 -20.84 20.40 0.68
CA ASN A 144 -22.22 20.81 0.46
C ASN A 144 -23.10 20.56 1.68
N GLY A 145 -22.50 20.56 2.86
CA GLY A 145 -23.23 20.44 4.11
C GLY A 145 -23.61 21.79 4.68
N THR A 146 -23.78 21.85 6.00
CA THR A 146 -24.03 23.12 6.68
C THR A 146 -23.02 23.31 7.80
N PHE A 147 -22.77 24.59 8.15
CA PHE A 147 -21.82 24.97 9.18
C PHE A 147 -22.42 26.07 10.04
N VAL A 148 -21.96 26.13 11.29
CA VAL A 148 -22.20 27.30 12.13
C VAL A 148 -20.92 27.65 12.86
N THR A 149 -20.59 28.94 12.89
CA THR A 149 -19.40 29.45 13.55
C THR A 149 -19.79 30.38 14.69
N THR A 150 -19.27 30.10 15.88
CA THR A 150 -19.67 30.81 17.07
C THR A 150 -18.46 31.48 17.69
N TYR A 151 -18.61 32.75 18.05
CA TYR A 151 -17.53 33.52 18.62
C TYR A 151 -17.82 33.76 20.10
N LEU A 152 -16.97 33.20 20.97
CA LEU A 152 -17.05 33.43 22.40
C LEU A 152 -16.26 34.69 22.76
N SER A 153 -16.94 35.66 23.33
CA SER A 153 -16.34 36.90 23.79
C SER A 153 -15.62 36.66 25.12
N PRO A 154 -14.75 37.58 25.57
CA PRO A 154 -14.19 37.43 26.92
C PRO A 154 -15.23 37.54 28.01
N ARG A 155 -16.34 38.24 27.74
CA ARG A 155 -17.42 38.32 28.73
C ARG A 155 -18.02 36.95 28.98
N ASP A 156 -18.07 36.12 27.94
CA ASP A 156 -18.91 34.93 27.91
C ASP A 156 -18.32 33.81 28.76
N TYR A 157 -19.18 32.82 29.00
CA TYR A 157 -18.80 31.54 29.58
C TYR A 157 -17.96 30.77 28.56
N HIS A 158 -16.88 30.15 29.05
CA HIS A 158 -15.83 29.65 28.18
C HIS A 158 -15.73 28.13 28.14
N ARG A 159 -16.80 27.43 28.51
CA ARG A 159 -16.88 26.01 28.23
C ARG A 159 -17.84 25.77 27.07
N VAL A 160 -17.67 24.61 26.43
CA VAL A 160 -18.42 24.27 25.23
C VAL A 160 -19.09 22.92 25.42
N HIS A 161 -20.31 22.79 24.93
CA HIS A 161 -21.13 21.63 25.25
C HIS A 161 -21.62 20.97 23.96
N MET A 162 -22.20 19.78 24.12
CA MET A 162 -22.59 18.96 22.97
C MET A 162 -23.89 19.47 22.38
N PRO A 163 -23.96 19.69 21.06
CA PRO A 163 -25.23 20.07 20.45
C PRO A 163 -26.22 18.91 20.31
N CYS A 164 -25.77 17.66 20.39
CA CYS A 164 -26.68 16.53 20.46
C CYS A 164 -25.94 15.36 21.08
N ASN A 165 -26.59 14.20 21.11
CA ASN A 165 -25.92 12.99 21.54
C ASN A 165 -24.86 12.62 20.51
N GLY A 166 -23.73 12.11 20.99
CA GLY A 166 -22.63 11.82 20.11
C GLY A 166 -21.73 10.74 20.67
N ILE A 167 -21.18 9.94 19.77
CA ILE A 167 -20.11 9.02 20.09
C ILE A 167 -18.83 9.60 19.50
N LEU A 168 -17.85 9.86 20.36
CA LEU A 168 -16.61 10.43 19.86
C LEU A 168 -15.90 9.42 18.97
N ARG A 169 -15.48 9.87 17.79
CA ARG A 169 -14.79 8.98 16.85
C ARG A 169 -13.36 9.38 16.58
N GLU A 170 -13.11 10.67 16.34
CA GLU A 170 -11.81 11.16 15.90
C GLU A 170 -11.53 12.51 16.55
N MET A 171 -10.29 12.70 17.01
CA MET A 171 -9.83 14.01 17.45
C MET A 171 -8.51 14.33 16.75
N ILE A 172 -8.37 15.57 16.27
CA ILE A 172 -7.16 15.97 15.57
C ILE A 172 -6.74 17.34 16.11
N TYR A 173 -5.51 17.42 16.60
CA TYR A 173 -4.89 18.68 17.01
C TYR A 173 -4.08 19.26 15.85
N VAL A 174 -4.35 20.51 15.50
CA VAL A 174 -3.66 21.16 14.40
C VAL A 174 -2.80 22.30 14.95
N PRO A 175 -1.49 22.30 14.73
CA PRO A 175 -0.70 23.48 15.06
C PRO A 175 -1.07 24.61 14.12
N GLY A 176 -0.70 25.81 14.53
CA GLY A 176 -1.09 26.97 13.77
C GLY A 176 -0.83 28.25 14.54
N ASP A 177 -1.34 29.34 13.98
CA ASP A 177 -1.01 30.66 14.49
C ASP A 177 -1.98 31.03 15.60
N LEU A 178 -1.79 32.23 16.16
CA LEU A 178 -2.55 32.74 17.28
C LEU A 178 -3.01 34.17 17.01
N PHE A 179 -3.56 34.40 15.83
CA PHE A 179 -4.23 35.66 15.58
C PHE A 179 -5.43 35.82 16.51
N SER A 180 -5.75 37.07 16.81
CA SER A 180 -7.01 37.37 17.46
C SER A 180 -8.17 37.01 16.54
N VAL A 181 -9.30 36.65 17.14
CA VAL A 181 -10.50 36.34 16.38
C VAL A 181 -11.59 37.30 16.85
N ASN A 182 -11.19 38.51 17.26
CA ASN A 182 -12.11 39.63 17.21
C ASN A 182 -12.62 39.75 15.78
N HIS A 183 -13.73 40.44 15.56
CA HIS A 183 -14.28 40.42 14.23
C HIS A 183 -13.77 41.57 13.37
N LEU A 184 -12.72 42.25 13.81
CA LEU A 184 -11.96 43.06 12.86
C LEU A 184 -11.09 42.18 11.98
N THR A 185 -10.28 41.32 12.58
CA THR A 185 -9.45 40.40 11.81
C THR A 185 -10.28 39.37 11.04
N ALA A 186 -11.50 39.07 11.48
CA ALA A 186 -12.33 38.14 10.73
C ALA A 186 -12.63 38.66 9.34
N GLN A 187 -12.57 39.98 9.16
CA GLN A 187 -12.90 40.61 7.89
C GLN A 187 -11.67 40.99 7.05
N ASN A 188 -10.46 40.70 7.52
CA ASN A 188 -9.25 40.98 6.76
C ASN A 188 -8.18 39.90 6.76
N VAL A 189 -8.09 39.02 7.75
CA VAL A 189 -7.05 38.00 7.80
C VAL A 189 -7.57 36.75 7.08
N PRO A 190 -7.04 36.40 5.92
CA PRO A 190 -7.57 35.22 5.22
C PRO A 190 -7.23 33.93 5.96
N ASN A 191 -8.15 32.96 5.88
CA ASN A 191 -7.93 31.63 6.46
C ASN A 191 -7.75 31.71 7.97
N LEU A 192 -8.44 32.64 8.65
CA LEU A 192 -8.28 32.82 10.08
C LEU A 192 -8.40 31.51 10.85
N PHE A 193 -9.55 30.85 10.72
CA PHE A 193 -9.82 29.63 11.47
C PHE A 193 -9.07 28.44 10.90
N ALA A 194 -8.77 28.44 9.60
CA ALA A 194 -7.94 27.38 9.05
C ALA A 194 -6.46 27.58 9.35
N ARG A 195 -6.07 28.77 9.84
CA ARG A 195 -4.69 29.07 10.23
C ARG A 195 -4.44 28.96 11.73
N ASN A 196 -5.37 29.38 12.58
CA ASN A 196 -5.13 29.37 14.04
C ASN A 196 -5.06 27.95 14.61
N GLU A 197 -4.23 27.80 15.64
CA GLU A 197 -4.19 26.55 16.41
C GLU A 197 -5.60 26.15 16.81
N ARG A 198 -5.90 24.84 16.74
CA ARG A 198 -7.28 24.40 16.88
C ARG A 198 -7.33 22.90 17.11
N VAL A 199 -8.50 22.44 17.56
CA VAL A 199 -8.72 21.03 17.87
C VAL A 199 -10.02 20.60 17.23
N ILE A 200 -9.98 19.49 16.50
CA ILE A 200 -11.11 18.97 15.73
C ILE A 200 -11.61 17.68 16.38
N CYS A 201 -12.92 17.62 16.62
CA CYS A 201 -13.59 16.45 17.20
C CYS A 201 -14.68 15.95 16.25
N LEU A 202 -14.69 14.64 15.95
CA LEU A 202 -15.68 14.05 15.05
C LEU A 202 -16.57 13.08 15.80
N PHE A 203 -17.87 13.24 15.65
CA PHE A 203 -18.85 12.42 16.35
C PHE A 203 -19.72 11.66 15.36
N ASP A 204 -20.10 10.44 15.76
CA ASP A 204 -21.27 9.76 15.22
C ASP A 204 -22.50 10.25 15.97
N THR A 205 -23.49 10.75 15.25
CA THR A 205 -24.74 11.15 15.88
C THR A 205 -25.93 10.79 14.97
N GLU A 206 -27.11 10.68 15.59
CA GLU A 206 -28.34 10.36 14.87
C GLU A 206 -28.61 11.29 13.70
N PHE A 207 -27.91 12.41 13.61
CA PHE A 207 -28.08 13.35 12.50
C PHE A 207 -26.94 13.25 11.49
N GLY A 208 -26.26 12.12 11.44
CA GLY A 208 -25.14 11.93 10.55
C GLY A 208 -23.83 12.05 11.29
N PRO A 209 -22.74 12.28 10.56
CA PRO A 209 -21.50 12.66 11.22
C PRO A 209 -21.55 14.12 11.59
N MET A 210 -20.90 14.45 12.70
CA MET A 210 -20.86 15.81 13.18
C MET A 210 -19.47 16.18 13.68
N ALA A 211 -19.04 17.39 13.34
CA ALA A 211 -17.76 17.93 13.76
C ALA A 211 -17.98 19.14 14.67
N GLN A 212 -17.26 19.17 15.78
CA GLN A 212 -17.18 20.36 16.62
C GLN A 212 -15.71 20.75 16.71
N ILE A 213 -15.39 21.98 16.31
CA ILE A 213 -14.01 22.44 16.19
C ILE A 213 -13.79 23.60 17.12
N LEU A 214 -12.73 23.53 17.92
CA LEU A 214 -12.40 24.55 18.91
C LEU A 214 -11.12 25.27 18.45
N VAL A 215 -11.25 26.57 18.16
CA VAL A 215 -10.18 27.38 17.58
C VAL A 215 -9.65 28.34 18.65
N GLY A 216 -8.36 28.22 18.96
CA GLY A 216 -7.70 29.13 19.88
C GLY A 216 -7.64 30.55 19.33
N ALA A 217 -7.11 31.45 20.17
CA ALA A 217 -6.84 32.82 19.74
C ALA A 217 -5.73 33.38 20.61
N THR A 218 -5.28 34.60 20.29
CA THR A 218 -4.24 35.23 21.10
C THR A 218 -4.73 35.32 22.54
N ILE A 219 -3.84 34.97 23.48
CA ILE A 219 -4.12 34.93 24.92
C ILE A 219 -4.99 33.72 25.27
N VAL A 220 -6.20 33.65 24.73
CA VAL A 220 -7.08 32.53 24.99
C VAL A 220 -6.63 31.36 24.11
N GLY A 221 -5.41 30.88 24.33
CA GLY A 221 -4.82 29.90 23.46
C GLY A 221 -4.82 28.47 23.93
N SER A 222 -5.36 28.18 25.11
CA SER A 222 -5.29 26.82 25.66
C SER A 222 -6.64 26.15 25.46
N ILE A 223 -6.62 24.89 25.05
CA ILE A 223 -7.83 24.16 24.69
C ILE A 223 -7.81 22.81 25.40
N GLU A 224 -8.91 22.47 26.08
CA GLU A 224 -9.04 21.13 26.64
C GLU A 224 -10.36 20.51 26.27
N THR A 225 -10.40 19.18 26.26
CA THR A 225 -11.63 18.41 26.21
C THR A 225 -11.76 17.56 27.48
N VAL A 226 -13.00 17.16 27.77
CA VAL A 226 -13.27 16.40 29.00
C VAL A 226 -12.66 15.01 28.93
N TRP A 227 -12.54 14.42 27.74
CA TRP A 227 -11.90 13.11 27.67
C TRP A 227 -10.38 13.18 27.64
N ALA A 228 -9.79 14.32 27.31
CA ALA A 228 -8.34 14.35 27.15
C ALA A 228 -7.62 15.26 28.14
N GLY A 229 -8.32 16.17 28.82
CA GLY A 229 -7.60 17.16 29.57
C GLY A 229 -7.03 18.23 28.64
N THR A 230 -6.01 18.91 29.13
CA THR A 230 -5.41 19.98 28.35
C THR A 230 -4.70 19.39 27.14
N ILE A 231 -5.10 19.81 25.95
CA ILE A 231 -4.45 19.34 24.74
C ILE A 231 -3.30 20.24 24.34
N THR A 232 -3.48 21.56 24.39
CA THR A 232 -2.41 22.52 24.22
C THR A 232 -2.60 23.61 25.25
N PRO A 233 -1.51 24.13 25.87
CA PRO A 233 -0.09 23.82 25.73
C PRO A 233 0.24 22.47 26.30
N PRO A 234 1.44 21.95 26.08
CA PRO A 234 2.55 22.38 25.22
C PRO A 234 2.20 22.46 23.72
N ARG A 235 3.00 23.21 22.99
CA ARG A 235 2.81 23.43 21.58
C ARG A 235 3.94 22.70 20.87
N GLU A 236 3.67 21.46 20.46
CA GLU A 236 4.71 20.56 20.00
C GLU A 236 4.94 20.63 18.50
N GLY A 237 4.12 21.38 17.76
CA GLY A 237 4.39 21.75 16.39
C GLY A 237 3.93 20.79 15.32
N ILE A 238 3.27 19.70 15.69
CA ILE A 238 2.91 18.64 14.77
C ILE A 238 1.44 18.33 14.90
N ILE A 239 0.91 17.67 13.93
CA ILE A 239 -0.46 17.23 13.91
C ILE A 239 -0.53 15.87 14.57
N LYS A 240 -1.56 15.69 15.41
CA LYS A 240 -1.76 14.44 16.16
C LYS A 240 -3.19 13.96 15.94
N ARG A 241 -3.35 12.66 15.72
CA ARG A 241 -4.65 12.04 15.54
C ARG A 241 -4.91 11.03 16.65
N TRP A 242 -6.14 11.03 17.16
CA TRP A 242 -6.63 9.96 18.03
C TRP A 242 -7.99 9.49 17.52
N THR A 243 -8.25 8.18 17.66
CA THR A 243 -9.52 7.63 17.22
C THR A 243 -10.19 6.82 18.34
N TRP A 244 -11.48 6.55 18.15
CA TRP A 244 -12.30 5.86 19.13
C TRP A 244 -13.31 4.96 18.42
N PRO A 245 -13.70 3.83 19.05
CA PRO A 245 -14.53 2.83 18.35
C PRO A 245 -15.89 3.36 17.93
N ALA A 246 -16.70 2.53 17.28
CA ALA A 246 -17.98 2.99 16.75
C ALA A 246 -19.07 3.14 17.80
N GLY A 247 -18.82 2.80 19.06
CA GLY A 247 -19.86 2.95 20.06
C GLY A 247 -20.56 1.65 20.37
N GLU A 248 -20.93 1.44 21.64
CA GLU A 248 -21.31 0.13 22.15
C GLU A 248 -20.13 -0.83 22.04
N ASN A 249 -18.93 -0.32 22.31
CA ASN A 249 -17.70 -1.08 22.21
C ASN A 249 -16.86 -0.83 23.46
N ASP A 250 -15.91 -1.74 23.71
CA ASP A 250 -14.88 -1.47 24.70
C ASP A 250 -14.13 -0.20 24.34
N GLY A 251 -13.79 0.60 25.35
CA GLY A 251 -13.10 1.84 25.11
C GLY A 251 -13.93 2.93 24.47
N SER A 252 -15.18 2.65 24.12
CA SER A 252 -16.03 3.67 23.51
C SER A 252 -16.24 4.83 24.48
N VAL A 253 -16.41 6.01 23.88
CA VAL A 253 -16.54 7.27 24.60
C VAL A 253 -17.75 7.97 23.99
N ALA A 254 -18.74 8.29 24.83
CA ALA A 254 -19.94 8.96 24.36
C ALA A 254 -20.34 10.04 25.37
N LEU A 255 -21.14 10.98 24.87
CA LEU A 255 -21.63 12.16 25.60
C LEU A 255 -23.02 12.48 25.06
N LEU A 256 -23.90 12.96 25.94
CA LEU A 256 -25.26 13.24 25.50
C LEU A 256 -25.49 14.75 25.41
N LYS A 257 -26.52 15.09 24.64
CA LYS A 257 -26.90 16.46 24.28
C LYS A 257 -26.80 17.43 25.45
N GLY A 258 -25.89 18.41 25.35
CA GLY A 258 -25.73 19.41 26.39
C GLY A 258 -24.67 19.11 27.40
N GLN A 259 -24.01 17.96 27.30
CA GLN A 259 -22.90 17.66 28.18
C GLN A 259 -21.67 18.52 27.84
N GLU A 260 -20.92 18.91 28.87
CA GLU A 260 -19.66 19.62 28.68
C GLU A 260 -18.69 18.73 27.91
N MET A 261 -18.13 19.26 26.81
CA MET A 261 -17.16 18.51 26.02
C MET A 261 -15.75 19.08 26.06
N GLY A 262 -15.61 20.39 26.25
CA GLY A 262 -14.29 20.99 26.38
C GLY A 262 -14.40 22.44 26.83
N ARG A 263 -13.26 23.15 26.73
CA ARG A 263 -13.23 24.53 27.21
C ARG A 263 -11.99 25.26 26.68
N PHE A 264 -12.04 26.58 26.81
CA PHE A 264 -10.98 27.51 26.46
C PHE A 264 -10.40 28.14 27.73
N LYS A 265 -9.13 28.56 27.64
CA LYS A 265 -8.36 28.98 28.80
C LYS A 265 -7.09 29.71 28.34
N LEU A 266 -6.56 30.55 29.22
CA LEU A 266 -5.39 31.36 28.92
C LEU A 266 -4.11 30.53 28.97
N GLY A 267 -3.22 30.74 27.98
CA GLY A 267 -1.96 30.04 27.93
C GLY A 267 -1.64 29.26 26.66
N THR B 2 -13.75 30.56 19.59
CA THR B 2 -14.45 30.21 18.35
C THR B 2 -14.73 28.71 18.29
N VAL B 3 -16.00 28.32 18.17
CA VAL B 3 -16.34 26.94 17.86
C VAL B 3 -16.97 26.91 16.48
N ILE B 4 -16.52 25.98 15.66
CA ILE B 4 -17.10 25.71 14.35
C ILE B 4 -17.76 24.34 14.41
N ASN B 5 -19.04 24.26 14.04
CA ASN B 5 -19.74 22.99 13.86
C ASN B 5 -19.93 22.71 12.38
N LEU B 6 -19.86 21.43 12.01
CA LEU B 6 -20.12 21.00 10.65
C LEU B 6 -21.10 19.82 10.63
N PHE B 7 -22.08 19.88 9.74
CA PHE B 7 -23.10 18.86 9.61
C PHE B 7 -23.18 18.34 8.19
N ALA B 8 -23.72 17.12 8.04
CA ALA B 8 -23.84 16.45 6.76
C ALA B 8 -24.84 17.18 5.86
N PRO B 9 -24.77 16.94 4.52
CA PRO B 9 -25.54 17.77 3.57
C PRO B 9 -27.04 17.92 3.83
N GLY B 10 -27.80 16.83 3.82
CA GLY B 10 -29.24 16.92 3.98
C GLY B 10 -29.78 16.48 5.32
N LYS B 11 -28.92 16.27 6.31
CA LYS B 11 -29.37 15.66 7.57
C LYS B 11 -29.90 16.67 8.57
N VAL B 12 -29.82 17.97 8.30
CA VAL B 12 -30.10 18.98 9.33
C VAL B 12 -30.58 20.27 8.68
N ASN B 13 -31.58 20.89 9.31
CA ASN B 13 -32.11 22.20 8.95
C ASN B 13 -31.96 23.12 10.15
N LEU B 14 -31.50 24.35 9.95
CA LEU B 14 -31.24 25.23 11.07
C LEU B 14 -32.19 26.42 11.07
N VAL B 15 -32.36 26.99 12.28
CA VAL B 15 -33.38 27.98 12.57
C VAL B 15 -33.35 29.12 11.57
N GLU B 16 -34.52 29.47 11.04
CA GLU B 16 -34.62 30.58 10.09
C GLU B 16 -34.36 31.92 10.78
N GLN B 17 -34.67 32.00 12.09
CA GLN B 17 -34.45 33.23 12.85
C GLN B 17 -32.97 33.57 13.04
N LEU B 18 -32.08 32.58 12.99
CA LEU B 18 -30.68 32.79 13.35
C LEU B 18 -29.91 33.38 12.19
N GLU B 19 -29.33 34.56 12.40
CA GLU B 19 -28.39 35.11 11.44
C GLU B 19 -27.09 35.51 12.12
N SER B 20 -26.19 36.18 11.38
CA SER B 20 -24.97 36.68 11.98
C SER B 20 -25.27 37.60 13.15
N LEU B 21 -24.38 37.59 14.14
CA LEU B 21 -24.48 38.37 15.38
C LEU B 21 -25.67 38.01 16.24
N SER B 22 -26.39 36.92 15.96
CA SER B 22 -27.46 36.52 16.87
C SER B 22 -26.89 35.98 18.16
N VAL B 23 -27.36 36.52 19.29
CA VAL B 23 -26.93 36.03 20.59
C VAL B 23 -27.11 34.51 20.66
N THR B 24 -26.14 33.84 21.26
CA THR B 24 -26.11 32.38 21.38
C THR B 24 -26.03 32.00 22.85
N LYS B 25 -27.06 31.33 23.36
CA LYS B 25 -27.05 30.82 24.71
C LYS B 25 -27.09 29.30 24.67
N ILE B 26 -26.25 28.68 25.50
CA ILE B 26 -25.88 27.28 25.36
C ILE B 26 -27.10 26.39 25.13
N GLY B 27 -28.11 26.47 25.99
CA GLY B 27 -29.13 25.43 25.89
C GLY B 27 -30.08 25.55 24.71
N GLN B 28 -30.19 26.72 24.09
CA GLN B 28 -31.30 27.00 23.21
C GLN B 28 -31.16 26.23 21.90
N PRO B 29 -32.20 26.23 21.05
CA PRO B 29 -32.12 25.41 19.83
C PRO B 29 -31.33 26.08 18.71
N LEU B 30 -30.61 25.25 17.96
CA LEU B 30 -29.83 25.72 16.81
C LEU B 30 -30.24 25.08 15.50
N ALA B 31 -30.50 23.79 15.48
CA ALA B 31 -31.01 23.18 14.26
C ALA B 31 -31.87 22.00 14.62
N VAL B 32 -32.69 21.56 13.66
CA VAL B 32 -33.66 20.49 13.84
C VAL B 32 -33.51 19.49 12.70
N SER B 33 -33.70 18.21 13.03
CA SER B 33 -33.58 17.13 12.05
C SER B 33 -34.50 17.39 10.86
N THR B 34 -34.07 16.95 9.68
CA THR B 34 -34.96 17.02 8.52
C THR B 34 -36.03 15.94 8.59
N GLU B 35 -35.79 14.86 9.33
CA GLU B 35 -36.84 13.87 9.57
C GLU B 35 -37.89 14.45 10.52
N ASP C 13 31.87 24.64 27.06
CA ASP C 13 31.45 24.86 25.68
C ASP C 13 30.02 24.41 25.37
N PRO C 14 29.46 23.47 26.15
CA PRO C 14 27.99 23.38 26.24
C PRO C 14 27.35 24.71 26.64
N MET C 15 28.15 25.71 27.02
CA MET C 15 27.67 27.08 27.15
C MET C 15 27.44 27.71 25.78
N LEU C 16 28.33 27.44 24.83
CA LEU C 16 28.22 28.08 23.52
C LEU C 16 27.23 27.39 22.59
N ASN C 17 27.14 26.05 22.65
CA ASN C 17 26.10 25.41 21.86
C ASN C 17 24.71 25.62 22.46
N SER C 18 24.59 25.88 23.77
CA SER C 18 23.30 26.30 24.30
C SER C 18 23.02 27.76 24.00
N PHE C 19 24.06 28.60 23.91
CA PHE C 19 23.88 29.96 23.43
C PHE C 19 23.23 29.97 22.05
N LYS C 20 23.75 29.16 21.13
CA LYS C 20 23.18 29.09 19.79
C LYS C 20 21.72 28.61 19.83
N LEU C 21 21.46 27.55 20.62
CA LEU C 21 20.09 27.03 20.72
C LEU C 21 19.14 28.08 21.25
N SER C 22 19.60 28.89 22.21
CA SER C 22 18.79 29.96 22.76
C SER C 22 18.40 30.95 21.66
N LEU C 23 19.35 31.25 20.77
CA LEU C 23 19.06 32.13 19.64
C LEU C 23 18.02 31.51 18.70
N GLN C 24 18.10 30.18 18.48
CA GLN C 24 17.06 29.51 17.71
C GLN C 24 15.68 29.78 18.30
N TYR C 25 15.61 29.87 19.61
CA TYR C 25 14.33 29.99 20.29
C TYR C 25 13.77 31.40 20.22
N ILE C 26 14.63 32.42 20.20
CA ILE C 26 14.23 33.79 20.45
C ILE C 26 14.16 34.61 19.17
N LEU C 27 15.14 34.48 18.26
CA LEU C 27 15.20 35.41 17.13
C LEU C 27 14.03 35.20 16.19
N PRO C 28 13.48 36.28 15.62
CA PRO C 28 12.25 36.14 14.83
C PRO C 28 12.55 35.54 13.47
N LYS C 29 12.49 34.21 13.40
CA LYS C 29 13.09 33.47 12.29
C LYS C 29 12.41 33.81 10.97
N LEU C 30 11.12 34.13 10.98
CA LEU C 30 10.46 34.40 9.72
C LEU C 30 10.80 35.78 9.17
N TRP C 31 10.90 36.80 10.02
CA TRP C 31 11.20 38.14 9.54
C TRP C 31 12.59 38.20 8.94
N LEU C 32 13.56 37.53 9.57
CA LEU C 32 14.89 37.47 8.98
C LEU C 32 14.87 36.78 7.62
N THR C 33 13.98 35.82 7.46
CA THR C 33 13.87 35.10 6.20
C THR C 33 13.39 36.01 5.07
N ARG C 34 12.29 36.74 5.31
CA ARG C 34 11.82 37.70 4.31
C ARG C 34 12.88 38.76 4.03
N LEU C 35 13.45 39.36 5.09
CA LEU C 35 14.50 40.37 4.91
C LEU C 35 15.61 39.84 4.01
N ALA C 36 16.09 38.63 4.29
CA ALA C 36 17.15 38.05 3.48
C ALA C 36 16.66 37.79 2.06
N GLY C 37 15.39 37.45 1.89
CA GLY C 37 14.88 37.18 0.56
C GLY C 37 14.60 38.44 -0.21
N TRP C 38 14.22 39.50 0.49
CA TRP C 38 14.07 40.81 -0.15
C TRP C 38 15.42 41.30 -0.69
N GLY C 39 16.47 41.17 0.10
CA GLY C 39 17.77 41.59 -0.40
C GLY C 39 18.28 40.70 -1.51
N ALA C 40 18.00 39.40 -1.41
CA ALA C 40 18.52 38.42 -2.36
C ALA C 40 17.86 38.57 -3.73
N SER C 41 16.73 39.27 -3.81
CA SER C 41 15.99 39.45 -5.05
C SER C 41 16.17 40.84 -5.66
N LYS C 42 16.98 41.69 -5.02
CA LYS C 42 17.29 43.02 -5.54
C LYS C 42 18.45 42.93 -6.52
N ARG C 43 18.26 43.46 -7.72
CA ARG C 43 19.34 43.55 -8.70
C ARG C 43 20.14 44.81 -8.39
N ALA C 44 21.15 44.69 -7.52
CA ALA C 44 21.89 45.83 -7.01
C ALA C 44 23.34 45.84 -7.49
N GLY C 45 23.55 45.45 -8.74
CA GLY C 45 24.84 45.59 -9.40
C GLY C 45 26.05 45.22 -8.57
N TRP C 46 26.98 46.18 -8.42
CA TRP C 46 28.21 45.91 -7.71
C TRP C 46 27.97 45.40 -6.28
N LEU C 47 26.86 45.81 -5.64
CA LEU C 47 26.66 45.35 -4.26
C LEU C 47 26.26 43.87 -4.23
N THR C 48 25.48 43.37 -5.21
CA THR C 48 25.18 41.94 -5.17
C THR C 48 26.42 41.13 -5.56
N LYS C 49 27.25 41.65 -6.47
CA LYS C 49 28.48 40.94 -6.77
C LYS C 49 29.38 40.88 -5.54
N LEU C 50 29.36 41.93 -4.72
CA LEU C 50 30.19 41.93 -3.52
C LEU C 50 29.74 40.85 -2.54
N VAL C 51 28.42 40.68 -2.40
CA VAL C 51 27.90 39.67 -1.48
C VAL C 51 28.17 38.27 -2.01
N ILE C 52 27.94 38.04 -3.30
CA ILE C 52 28.21 36.74 -3.89
C ILE C 52 29.67 36.35 -3.66
N ASP C 53 30.58 37.30 -3.88
CA ASP C 53 32.00 37.00 -3.74
C ASP C 53 32.39 36.73 -2.28
N LEU C 54 31.86 37.52 -1.36
CA LEU C 54 32.08 37.23 0.06
C LEU C 54 31.47 35.88 0.44
N PHE C 55 30.23 35.64 0.02
CA PHE C 55 29.63 34.31 0.17
C PHE C 55 30.53 33.23 -0.44
N VAL C 56 31.10 33.47 -1.62
CA VAL C 56 31.84 32.41 -2.30
C VAL C 56 33.11 32.02 -1.53
N LYS C 57 33.83 32.99 -0.94
CA LYS C 57 35.05 32.56 -0.24
C LYS C 57 34.76 32.09 1.19
N TYR C 58 33.79 32.71 1.87
CA TYR C 58 33.48 32.22 3.21
C TYR C 58 33.07 30.76 3.18
N TYR C 59 32.27 30.39 2.20
CA TYR C 59 31.77 29.02 2.09
C TYR C 59 32.54 28.18 1.08
N LYS C 60 33.61 28.72 0.49
CA LYS C 60 34.39 27.96 -0.48
C LYS C 60 33.50 27.36 -1.58
N VAL C 61 32.62 28.20 -2.12
CA VAL C 61 31.77 27.75 -3.22
C VAL C 61 32.62 27.48 -4.44
N ASP C 62 32.44 26.33 -5.06
CA ASP C 62 33.23 25.97 -6.24
C ASP C 62 32.54 26.49 -7.49
N MET C 63 33.01 27.65 -8.00
CA MET C 63 32.41 28.19 -9.21
C MET C 63 32.80 27.40 -10.46
N LYS C 64 33.83 26.57 -10.39
CA LYS C 64 34.26 25.89 -11.60
C LYS C 64 33.25 24.84 -12.06
N GLU C 65 32.35 24.38 -11.17
CA GLU C 65 31.28 23.50 -11.60
C GLU C 65 30.09 24.24 -12.16
N ALA C 66 30.02 25.56 -12.01
CA ALA C 66 28.86 26.30 -12.48
C ALA C 66 28.93 26.54 -13.98
N GLN C 67 27.79 26.39 -14.65
CA GLN C 67 27.67 26.82 -16.04
C GLN C 67 28.29 28.19 -16.23
N LYS C 68 27.89 29.13 -15.38
CA LYS C 68 28.33 30.51 -15.36
C LYS C 68 29.32 30.69 -14.21
N PRO C 69 30.60 30.44 -14.46
CA PRO C 69 31.59 30.48 -13.37
C PRO C 69 31.89 31.88 -12.89
N ASP C 70 31.49 32.91 -13.63
CA ASP C 70 31.85 34.29 -13.32
C ASP C 70 30.78 34.87 -12.42
N THR C 71 31.16 35.22 -11.18
CA THR C 71 30.18 35.74 -10.23
C THR C 71 29.52 37.01 -10.76
N ALA C 72 30.09 37.60 -11.82
CA ALA C 72 29.50 38.77 -12.42
C ALA C 72 28.33 38.42 -13.32
N SER C 73 28.13 37.15 -13.64
CA SER C 73 27.01 36.79 -14.51
C SER C 73 25.68 36.74 -13.78
N TYR C 74 25.62 37.05 -12.48
CA TYR C 74 24.43 36.82 -11.67
C TYR C 74 23.80 38.16 -11.24
N ARG C 75 22.56 38.40 -11.66
CA ARG C 75 21.94 39.71 -11.47
C ARG C 75 21.43 39.93 -10.05
N THR C 76 21.04 38.85 -9.36
CA THR C 76 20.61 38.90 -7.97
C THR C 76 21.38 37.85 -7.21
N PHE C 77 21.33 37.93 -5.88
CA PHE C 77 21.95 36.85 -5.10
C PHE C 77 21.15 35.55 -5.21
N ASN C 78 19.83 35.63 -5.30
CA ASN C 78 19.06 34.40 -5.42
C ASN C 78 19.46 33.62 -6.65
N GLU C 79 19.64 34.33 -7.77
CA GLU C 79 20.03 33.70 -9.03
C GLU C 79 21.38 33.01 -8.91
N PHE C 80 22.30 33.60 -8.15
CA PHE C 80 23.53 32.89 -7.79
C PHE C 80 23.22 31.66 -6.95
N PHE C 81 22.33 31.80 -5.96
CA PHE C 81 22.03 30.70 -5.05
C PHE C 81 21.53 29.47 -5.80
N VAL C 82 20.64 29.68 -6.77
CA VAL C 82 20.09 28.58 -7.55
C VAL C 82 20.87 28.35 -8.86
N ARG C 83 22.18 28.58 -8.84
CA ARG C 83 22.93 28.63 -10.09
C ARG C 83 22.94 27.26 -10.77
N PRO C 84 22.74 27.21 -12.09
CA PRO C 84 22.86 25.93 -12.80
C PRO C 84 24.26 25.37 -12.76
N LEU C 85 24.35 24.06 -12.71
CA LEU C 85 25.64 23.39 -12.76
C LEU C 85 25.97 22.98 -14.19
N ARG C 86 27.25 22.74 -14.42
CA ARG C 86 27.69 22.32 -15.74
C ARG C 86 27.16 20.93 -16.03
N ASP C 87 26.59 20.77 -17.23
CA ASP C 87 25.98 19.50 -17.60
C ASP C 87 26.92 18.31 -17.42
N GLU C 88 28.22 18.53 -17.58
CA GLU C 88 29.18 17.44 -17.56
C GLU C 88 29.45 16.87 -16.18
N VAL C 89 29.20 17.63 -15.10
CA VAL C 89 29.85 17.31 -13.83
C VAL C 89 28.99 16.44 -12.91
N ARG C 90 27.71 16.20 -13.26
CA ARG C 90 26.84 15.29 -12.52
C ARG C 90 26.31 14.22 -13.47
N PRO C 91 27.13 13.22 -13.80
CA PRO C 91 26.66 12.09 -14.62
C PRO C 91 25.68 11.19 -13.86
N ILE C 92 24.46 11.05 -14.39
CA ILE C 92 23.47 10.11 -13.86
C ILE C 92 23.97 8.67 -13.99
N ASP C 93 23.64 7.83 -13.01
CA ASP C 93 23.95 6.41 -13.14
C ASP C 93 22.98 5.75 -14.10
N THR C 94 23.51 4.86 -14.93
CA THR C 94 22.77 4.37 -16.08
C THR C 94 21.91 3.16 -15.76
N ASP C 95 22.31 2.39 -14.77
CA ASP C 95 21.58 1.21 -14.33
C ASP C 95 20.13 1.55 -13.97
N PRO C 96 19.14 0.97 -14.67
CA PRO C 96 17.74 1.27 -14.32
C PRO C 96 17.26 0.63 -13.02
N ASN C 97 18.08 -0.24 -12.40
CA ASN C 97 17.77 -0.84 -11.12
C ASN C 97 18.41 -0.08 -9.96
N VAL C 98 19.03 1.06 -10.24
CA VAL C 98 19.76 1.82 -9.24
C VAL C 98 19.11 3.18 -9.10
N LEU C 99 18.81 3.56 -7.85
CA LEU C 99 18.26 4.86 -7.51
C LEU C 99 19.42 5.80 -7.23
N VAL C 100 19.37 7.01 -7.79
CA VAL C 100 20.52 7.91 -7.64
C VAL C 100 20.18 9.05 -6.68
N MET C 101 21.23 9.67 -6.15
CA MET C 101 21.07 10.75 -5.18
C MET C 101 20.34 11.93 -5.81
N PRO C 102 19.41 12.56 -5.08
CA PRO C 102 18.64 13.68 -5.63
C PRO C 102 19.26 15.06 -5.46
N ALA C 103 20.29 15.21 -4.62
CA ALA C 103 20.75 16.51 -4.19
C ALA C 103 22.23 16.46 -3.79
N ASP C 104 22.90 17.61 -3.92
CA ASP C 104 24.26 17.73 -3.42
C ASP C 104 24.28 18.04 -1.93
N GLY C 105 25.18 17.40 -1.20
CA GLY C 105 25.36 17.73 0.19
C GLY C 105 25.93 16.58 0.97
N VAL C 106 25.50 16.41 2.24
CA VAL C 106 25.92 15.30 3.07
C VAL C 106 24.71 14.60 3.66
N ILE C 107 24.87 13.30 3.89
CA ILE C 107 23.80 12.53 4.50
C ILE C 107 23.72 12.85 5.98
N SER C 108 22.50 13.15 6.45
CA SER C 108 22.27 13.38 7.87
C SER C 108 21.97 12.07 8.59
N GLN C 109 20.88 11.40 8.21
CA GLN C 109 20.61 10.03 8.63
C GLN C 109 19.95 9.31 7.46
N LEU C 110 20.13 7.98 7.40
CA LEU C 110 19.37 7.13 6.50
C LEU C 110 19.18 5.76 7.12
N GLY C 111 18.25 5.00 6.58
CA GLY C 111 18.07 3.66 7.11
C GLY C 111 16.61 3.25 7.06
N LYS C 112 16.25 2.40 8.02
CA LYS C 112 14.96 1.71 8.01
C LYS C 112 13.98 2.43 8.91
N ILE C 113 12.88 2.91 8.34
CA ILE C 113 11.76 3.40 9.13
C ILE C 113 11.33 2.30 10.08
N GLU C 114 11.63 2.45 11.36
CA GLU C 114 11.33 1.40 12.33
C GLU C 114 9.89 1.52 12.77
N GLU C 115 8.97 0.85 12.08
CA GLU C 115 7.55 0.94 12.39
C GLU C 115 7.18 2.41 12.62
N ASP C 116 7.04 3.16 11.53
CA ASP C 116 6.60 4.56 11.43
C ASP C 116 7.54 5.58 12.11
N LYS C 117 8.58 5.18 12.82
CA LYS C 117 9.51 6.18 13.40
C LYS C 117 10.79 6.36 12.59
N ILE C 118 11.12 7.62 12.27
CA ILE C 118 12.31 7.99 11.48
C ILE C 118 13.38 8.53 12.42
N LEU C 119 14.64 8.14 12.20
CA LEU C 119 15.71 8.58 13.07
C LEU C 119 16.19 9.97 12.66
N GLN C 120 16.20 10.91 13.61
CA GLN C 120 16.65 12.26 13.39
C GLN C 120 18.06 12.48 13.93
N ALA C 121 18.30 12.05 15.16
CA ALA C 121 19.61 12.13 15.80
C ALA C 121 19.63 11.05 16.87
N LYS C 122 20.79 10.87 17.52
CA LYS C 122 20.87 9.96 18.65
C LYS C 122 19.86 10.37 19.71
N GLY C 123 18.90 9.50 19.99
CA GLY C 123 17.88 9.81 20.97
C GLY C 123 16.79 10.76 20.51
N HIS C 124 16.51 10.78 19.21
CA HIS C 124 15.45 11.64 18.69
C HIS C 124 14.85 10.94 17.49
N ASN C 125 13.55 10.66 17.57
CA ASN C 125 12.81 10.09 16.49
C ASN C 125 11.69 11.04 16.14
N TYR C 126 11.05 10.75 15.01
CA TYR C 126 9.86 11.49 14.63
C TYR C 126 9.04 10.58 13.74
N SER C 127 7.74 10.79 13.76
CA SER C 127 6.83 9.83 13.20
C SER C 127 6.58 10.15 11.73
N LEU C 128 6.43 9.09 10.93
CA LEU C 128 5.96 9.24 9.56
C LEU C 128 4.74 10.15 9.49
N GLU C 129 3.77 9.95 10.39
CA GLU C 129 2.52 10.70 10.29
C GLU C 129 2.70 12.17 10.64
N ALA C 130 3.64 12.48 11.56
CA ALA C 130 3.96 13.88 11.80
C ALA C 130 4.70 14.48 10.59
N LEU C 131 5.69 13.75 10.07
CA LEU C 131 6.38 14.26 8.88
C LEU C 131 5.41 14.54 7.74
N LEU C 132 4.29 13.81 7.67
CA LEU C 132 3.37 13.89 6.53
C LEU C 132 2.09 14.65 6.86
N ALA C 133 2.14 15.52 7.86
CA ALA C 133 1.03 16.42 8.17
C ALA C 133 -0.24 15.64 8.50
N GLY C 134 -0.10 14.48 9.14
CA GLY C 134 -1.25 13.69 9.52
C GLY C 134 -1.85 12.80 8.46
N ASN C 135 -1.30 12.80 7.24
CA ASN C 135 -1.82 11.90 6.22
C ASN C 135 -1.47 10.45 6.59
N TYR C 136 -2.38 9.76 7.29
CA TYR C 136 -2.11 8.40 7.72
C TYR C 136 -2.20 7.41 6.56
N LEU C 137 -3.07 7.68 5.57
CA LEU C 137 -3.07 6.86 4.35
C LEU C 137 -1.70 6.89 3.67
N MET C 138 -1.17 8.08 3.39
CA MET C 138 0.17 8.15 2.80
C MET C 138 1.23 7.61 3.76
N ALA C 139 1.03 7.78 5.07
CA ALA C 139 2.01 7.24 6.01
C ALA C 139 2.03 5.72 5.97
N ASP C 140 0.93 5.12 5.52
CA ASP C 140 0.81 3.67 5.43
C ASP C 140 1.61 3.10 4.27
N LEU C 141 1.83 3.89 3.22
CA LEU C 141 2.69 3.45 2.12
C LEU C 141 4.13 3.24 2.56
N PHE C 142 4.55 3.80 3.69
CA PHE C 142 5.97 3.82 4.01
C PHE C 142 6.32 3.23 5.36
N ARG C 143 5.35 2.67 6.10
CA ARG C 143 5.70 1.98 7.35
C ARG C 143 6.69 0.87 7.09
N ASN C 144 7.67 0.75 7.98
CA ASN C 144 8.79 -0.16 7.82
C ASN C 144 9.50 0.06 6.48
N GLY C 145 9.35 1.26 5.93
CA GLY C 145 10.01 1.61 4.68
C GLY C 145 11.46 1.98 4.86
N THR C 146 11.93 2.84 3.98
CA THR C 146 13.33 3.27 3.96
C THR C 146 13.37 4.77 3.74
N PHE C 147 14.24 5.45 4.49
CA PHE C 147 14.35 6.90 4.44
C PHE C 147 15.80 7.29 4.23
N VAL C 148 15.99 8.45 3.60
CA VAL C 148 17.28 9.11 3.45
C VAL C 148 17.03 10.59 3.68
N THR C 149 17.91 11.23 4.47
CA THR C 149 17.82 12.65 4.77
C THR C 149 19.13 13.34 4.35
N THR C 150 19.02 14.32 3.46
CA THR C 150 20.21 14.99 2.92
C THR C 150 20.19 16.46 3.33
N TYR C 151 21.32 16.92 3.88
CA TYR C 151 21.54 18.33 4.18
C TYR C 151 22.24 18.99 3.00
N LEU C 152 21.67 20.09 2.51
CA LEU C 152 22.35 20.96 1.57
C LEU C 152 22.85 22.16 2.35
N SER C 153 24.17 22.30 2.43
CA SER C 153 24.77 23.44 3.12
C SER C 153 24.82 24.64 2.17
N PRO C 154 25.10 25.87 2.68
CA PRO C 154 25.07 27.06 1.82
C PRO C 154 26.00 26.95 0.63
N ARG C 155 26.98 26.07 0.74
CA ARG C 155 27.99 25.88 -0.30
C ARG C 155 27.46 25.13 -1.51
N ASP C 156 26.55 24.19 -1.30
CA ASP C 156 26.17 23.22 -2.31
C ASP C 156 25.25 23.85 -3.36
N TYR C 157 25.05 23.07 -4.43
CA TYR C 157 24.07 23.33 -5.46
C TYR C 157 22.68 23.08 -4.89
N HIS C 158 21.75 24.00 -5.17
CA HIS C 158 20.52 24.09 -4.40
C HIS C 158 19.27 23.72 -5.21
N ARG C 159 19.44 23.18 -6.41
CA ARG C 159 18.36 22.45 -7.05
C ARG C 159 18.44 20.97 -6.63
N VAL C 160 17.32 20.28 -6.73
CA VAL C 160 17.26 18.86 -6.36
C VAL C 160 16.59 18.10 -7.49
N HIS C 161 17.04 16.88 -7.72
CA HIS C 161 16.66 16.12 -8.90
C HIS C 161 15.96 14.80 -8.54
N MET C 162 15.31 14.20 -9.54
CA MET C 162 14.63 12.93 -9.32
C MET C 162 15.64 11.82 -9.06
N PRO C 163 15.40 10.96 -8.07
CA PRO C 163 16.32 9.82 -7.86
C PRO C 163 16.08 8.68 -8.83
N CYS C 164 15.00 8.74 -9.62
CA CYS C 164 14.59 7.71 -10.57
C CYS C 164 13.44 8.28 -11.38
N ASN C 165 13.00 7.55 -12.39
CA ASN C 165 11.80 7.92 -13.12
C ASN C 165 10.60 7.87 -12.19
N GLY C 166 9.64 8.77 -12.40
CA GLY C 166 8.47 8.78 -11.56
C GLY C 166 7.34 9.58 -12.18
N ILE C 167 6.12 9.24 -11.80
CA ILE C 167 4.93 9.99 -12.19
C ILE C 167 4.43 10.72 -10.96
N LEU C 168 4.41 12.05 -11.05
CA LEU C 168 3.86 12.87 -9.99
C LEU C 168 2.42 12.48 -9.74
N ARG C 169 2.08 12.26 -8.47
CA ARG C 169 0.72 11.93 -8.05
C ARG C 169 0.16 12.93 -7.06
N GLU C 170 0.93 13.34 -6.06
CA GLU C 170 0.49 14.23 -5.01
C GLU C 170 1.60 15.19 -4.63
N MET C 171 1.19 16.41 -4.30
CA MET C 171 2.05 17.41 -3.68
C MET C 171 1.31 18.04 -2.52
N ILE C 172 1.97 18.15 -1.37
CA ILE C 172 1.36 18.71 -0.17
C ILE C 172 2.23 19.87 0.31
N TYR C 173 1.64 21.04 0.43
CA TYR C 173 2.31 22.14 1.10
C TYR C 173 1.86 22.18 2.57
N VAL C 174 2.84 22.21 3.48
CA VAL C 174 2.61 22.20 4.91
C VAL C 174 3.19 23.48 5.53
N PRO C 175 2.37 24.34 6.12
CA PRO C 175 2.93 25.44 6.93
C PRO C 175 3.74 24.91 8.11
N GLY C 176 4.66 25.74 8.59
CA GLY C 176 5.51 25.26 9.66
C GLY C 176 6.44 26.34 10.13
N ASP C 177 7.33 25.97 11.02
CA ASP C 177 8.28 26.91 11.58
C ASP C 177 9.48 27.04 10.64
N LEU C 178 10.42 27.92 10.99
CA LEU C 178 11.59 28.17 10.16
C LEU C 178 12.85 28.06 11.02
N PHE C 179 12.96 26.94 11.74
CA PHE C 179 14.17 26.64 12.48
C PHE C 179 15.31 26.40 11.52
N SER C 180 16.51 26.68 12.01
CA SER C 180 17.71 26.35 11.26
C SER C 180 17.96 24.87 11.30
N VAL C 181 18.14 24.26 10.13
CA VAL C 181 18.47 22.86 10.05
C VAL C 181 19.99 22.77 9.99
N ASN C 182 20.59 22.32 11.08
CA ASN C 182 22.01 22.01 11.08
C ASN C 182 22.25 20.90 12.09
N HIS C 183 23.50 20.53 12.26
CA HIS C 183 23.72 19.34 13.08
C HIS C 183 23.62 19.65 14.57
N LEU C 184 23.44 20.91 14.96
CA LEU C 184 23.18 21.19 16.36
C LEU C 184 21.70 21.15 16.69
N THR C 185 20.89 21.83 15.86
CA THR C 185 19.45 21.79 16.06
C THR C 185 18.87 20.41 15.80
N ALA C 186 19.51 19.62 14.93
CA ALA C 186 19.02 18.27 14.64
C ALA C 186 19.10 17.39 15.88
N GLN C 187 20.12 17.60 16.71
CA GLN C 187 20.33 16.83 17.93
C GLN C 187 19.56 17.37 19.13
N ASN C 188 18.79 18.45 18.96
CA ASN C 188 18.14 19.11 20.10
C ASN C 188 16.70 19.55 19.85
N VAL C 189 16.29 19.91 18.64
CA VAL C 189 14.94 20.38 18.38
C VAL C 189 14.05 19.16 18.08
N PRO C 190 13.10 18.84 18.95
CA PRO C 190 12.21 17.70 18.64
C PRO C 190 11.32 18.01 17.45
N ASN C 191 11.16 16.99 16.59
CA ASN C 191 10.31 17.10 15.40
C ASN C 191 10.76 18.19 14.41
N LEU C 192 12.05 18.51 14.38
CA LEU C 192 12.58 19.55 13.49
C LEU C 192 11.96 19.49 12.08
N PHE C 193 12.03 18.33 11.42
CA PHE C 193 11.57 18.24 10.05
C PHE C 193 10.06 18.07 9.92
N ALA C 194 9.38 17.54 10.95
CA ALA C 194 7.92 17.58 10.93
C ALA C 194 7.35 18.91 11.39
N ARG C 195 8.17 19.82 11.95
CA ARG C 195 7.75 21.18 12.24
C ARG C 195 8.07 22.20 11.16
N ASN C 196 9.26 22.15 10.57
CA ASN C 196 9.61 23.19 9.61
C ASN C 196 8.69 23.15 8.40
N GLU C 197 8.45 24.32 7.82
CA GLU C 197 7.73 24.42 6.55
C GLU C 197 8.36 23.51 5.49
N ARG C 198 7.52 22.87 4.68
CA ARG C 198 8.03 21.88 3.76
C ARG C 198 7.02 21.62 2.65
N VAL C 199 7.52 21.05 1.54
CA VAL C 199 6.66 20.60 0.43
C VAL C 199 6.90 19.11 0.19
N ILE C 200 5.81 18.34 0.25
CA ILE C 200 5.80 16.88 0.07
C ILE C 200 5.49 16.54 -1.39
N CYS C 201 6.23 15.59 -1.95
CA CYS C 201 6.08 15.13 -3.34
C CYS C 201 5.92 13.63 -3.36
N LEU C 202 4.80 13.14 -3.89
CA LEU C 202 4.53 11.70 -3.97
C LEU C 202 4.52 11.25 -5.42
N PHE C 203 5.36 10.27 -5.76
CA PHE C 203 5.47 9.78 -7.13
C PHE C 203 5.18 8.28 -7.23
N ASP C 204 4.63 7.86 -8.37
CA ASP C 204 4.62 6.46 -8.77
C ASP C 204 5.92 6.12 -9.51
N THR C 205 6.62 5.09 -9.06
CA THR C 205 7.87 4.64 -9.65
C THR C 205 7.88 3.13 -9.82
N GLU C 206 8.79 2.64 -10.66
CA GLU C 206 8.96 1.19 -10.81
C GLU C 206 9.40 0.53 -9.50
N PHE C 207 9.73 1.31 -8.48
CA PHE C 207 10.05 0.74 -7.18
C PHE C 207 8.92 0.95 -6.17
N GLY C 208 7.77 1.44 -6.62
CA GLY C 208 6.61 1.61 -5.76
C GLY C 208 6.35 3.09 -5.52
N PRO C 209 5.66 3.41 -4.44
CA PRO C 209 5.49 4.81 -4.08
C PRO C 209 6.77 5.37 -3.48
N MET C 210 7.01 6.65 -3.76
CA MET C 210 8.19 7.33 -3.29
C MET C 210 7.84 8.76 -2.98
N ALA C 211 8.44 9.27 -1.90
CA ALA C 211 8.29 10.65 -1.46
C ALA C 211 9.63 11.36 -1.58
N GLN C 212 9.59 12.56 -2.13
CA GLN C 212 10.73 13.47 -2.06
C GLN C 212 10.22 14.73 -1.35
N ILE C 213 10.69 14.95 -0.13
CA ILE C 213 10.17 16.02 0.71
C ILE C 213 11.26 17.08 0.80
N LEU C 214 10.91 18.29 0.36
CA LEU C 214 11.76 19.46 0.45
C LEU C 214 11.32 20.27 1.68
N VAL C 215 12.19 20.40 2.67
CA VAL C 215 11.87 21.14 3.89
C VAL C 215 12.80 22.34 4.03
N GLY C 216 12.20 23.52 4.22
CA GLY C 216 12.92 24.77 4.34
C GLY C 216 13.68 24.91 5.65
N ALA C 217 14.32 26.08 5.79
CA ALA C 217 15.10 26.41 6.97
C ALA C 217 15.09 27.93 7.13
N THR C 218 15.71 28.43 8.21
CA THR C 218 15.86 29.87 8.35
C THR C 218 16.61 30.43 7.16
N ILE C 219 16.13 31.56 6.64
CA ILE C 219 16.70 32.25 5.48
C ILE C 219 16.48 31.47 4.19
N VAL C 220 16.96 30.22 4.13
CA VAL C 220 16.66 29.38 2.97
C VAL C 220 15.26 28.83 3.13
N GLY C 221 14.25 29.67 2.91
CA GLY C 221 12.89 29.24 3.16
C GLY C 221 12.00 29.17 1.95
N SER C 222 12.52 29.57 0.80
CA SER C 222 11.69 29.57 -0.40
C SER C 222 11.86 28.23 -1.10
N ILE C 223 10.77 27.70 -1.63
CA ILE C 223 10.70 26.33 -2.12
C ILE C 223 9.94 26.35 -3.43
N GLU C 224 10.51 25.76 -4.46
CA GLU C 224 9.81 25.71 -5.74
C GLU C 224 9.92 24.32 -6.34
N THR C 225 8.91 23.96 -7.13
CA THR C 225 8.96 22.75 -7.91
C THR C 225 8.91 23.10 -9.39
N VAL C 226 9.53 22.23 -10.18
CA VAL C 226 9.64 22.48 -11.61
C VAL C 226 8.29 22.53 -12.30
N TRP C 227 7.25 21.96 -11.68
CA TRP C 227 5.94 21.90 -12.31
C TRP C 227 4.97 22.96 -11.79
N ALA C 228 5.30 23.65 -10.70
CA ALA C 228 4.43 24.68 -10.16
C ALA C 228 5.10 26.01 -9.90
N GLY C 229 6.43 26.10 -9.96
CA GLY C 229 7.06 27.38 -9.71
C GLY C 229 7.33 27.56 -8.23
N THR C 230 7.39 28.81 -7.75
CA THR C 230 7.63 29.05 -6.33
C THR C 230 6.37 28.75 -5.53
N ILE C 231 6.49 27.88 -4.55
CA ILE C 231 5.36 27.54 -3.67
C ILE C 231 5.33 28.45 -2.44
N THR C 232 6.46 28.60 -1.75
CA THR C 232 6.61 29.67 -0.80
C THR C 232 7.79 30.57 -1.14
N PRO C 233 7.69 31.89 -0.91
CA PRO C 233 6.49 32.60 -0.43
C PRO C 233 5.40 32.68 -1.50
N PRO C 234 4.22 33.24 -1.19
CA PRO C 234 3.69 33.70 0.10
C PRO C 234 3.60 32.57 1.11
N ARG C 235 3.43 32.89 2.38
CA ARG C 235 3.17 31.88 3.41
C ARG C 235 1.73 32.11 3.86
N GLU C 236 0.81 31.43 3.20
CA GLU C 236 -0.62 31.63 3.42
C GLU C 236 -1.15 30.90 4.66
N GLY C 237 -0.31 30.13 5.34
CA GLY C 237 -0.65 29.56 6.63
C GLY C 237 -1.58 28.38 6.64
N ILE C 238 -1.79 27.71 5.51
CA ILE C 238 -2.72 26.59 5.46
C ILE C 238 -2.11 25.47 4.61
N ILE C 239 -2.70 24.29 4.76
CA ILE C 239 -2.25 23.10 4.05
C ILE C 239 -2.97 23.03 2.72
N LYS C 240 -2.22 22.94 1.62
CA LYS C 240 -2.76 22.78 0.29
C LYS C 240 -2.31 21.44 -0.27
N ARG C 241 -3.24 20.73 -0.92
CA ARG C 241 -2.99 19.42 -1.54
C ARG C 241 -3.33 19.47 -3.03
N TRP C 242 -2.42 18.99 -3.86
CA TRP C 242 -2.60 18.90 -5.30
C TRP C 242 -2.43 17.45 -5.75
N THR C 243 -3.29 17.00 -6.67
CA THR C 243 -3.27 15.61 -7.14
C THR C 243 -3.16 15.52 -8.66
N TRP C 244 -2.57 14.43 -9.13
CA TRP C 244 -2.34 14.19 -10.56
C TRP C 244 -2.65 12.75 -10.93
N PRO C 245 -3.13 12.52 -12.16
CA PRO C 245 -3.51 11.16 -12.57
C PRO C 245 -2.34 10.19 -12.61
N ALA C 246 -2.68 8.92 -12.89
CA ALA C 246 -1.76 7.80 -12.71
C ALA C 246 -0.71 7.65 -13.81
N GLY C 247 -0.96 8.16 -15.02
CA GLY C 247 -0.01 7.92 -16.08
C GLY C 247 -0.66 7.38 -17.35
N GLU C 248 -0.22 7.93 -18.48
CA GLU C 248 -0.91 7.77 -19.77
C GLU C 248 -2.40 8.07 -19.60
N ASN C 249 -2.68 9.11 -18.82
CA ASN C 249 -3.95 9.80 -18.85
C ASN C 249 -3.64 11.27 -19.12
N ASP C 250 -4.58 11.96 -19.75
CA ASP C 250 -4.32 13.33 -20.13
C ASP C 250 -4.18 14.22 -18.89
N GLY C 251 -3.01 14.84 -18.75
CA GLY C 251 -2.66 15.61 -17.58
C GLY C 251 -1.55 15.00 -16.76
N SER C 252 -1.16 13.75 -17.05
CA SER C 252 -0.13 13.09 -16.25
C SER C 252 1.19 13.83 -16.38
N VAL C 253 1.96 13.84 -15.30
CA VAL C 253 3.23 14.57 -15.22
C VAL C 253 4.32 13.57 -14.91
N ALA C 254 5.31 13.46 -15.79
CA ALA C 254 6.36 12.46 -15.68
C ALA C 254 7.72 13.13 -15.65
N LEU C 255 8.66 12.50 -14.96
CA LEU C 255 9.99 13.06 -14.79
C LEU C 255 10.99 11.92 -14.73
N LEU C 256 12.13 12.11 -15.41
CA LEU C 256 13.09 11.06 -15.59
C LEU C 256 14.13 11.09 -14.48
N LYS C 257 14.68 9.93 -14.18
CA LYS C 257 15.83 9.82 -13.30
C LYS C 257 16.88 10.88 -13.64
N GLY C 258 17.23 11.70 -12.65
CA GLY C 258 18.20 12.76 -12.86
C GLY C 258 17.64 14.09 -13.33
N GLN C 259 16.37 14.15 -13.73
CA GLN C 259 15.76 15.42 -14.08
C GLN C 259 15.66 16.36 -12.87
N GLU C 260 15.72 17.66 -13.16
CA GLU C 260 15.49 18.67 -12.15
C GLU C 260 14.02 18.67 -11.73
N MET C 261 13.74 18.58 -10.42
CA MET C 261 12.36 18.64 -9.93
C MET C 261 12.04 19.84 -9.05
N GLY C 262 13.04 20.48 -8.43
CA GLY C 262 12.77 21.69 -7.67
C GLY C 262 14.04 22.23 -7.07
N ARG C 263 13.88 23.24 -6.21
CA ARG C 263 15.07 23.87 -5.63
C ARG C 263 14.70 24.70 -4.41
N PHE C 264 15.75 25.12 -3.70
CA PHE C 264 15.67 25.97 -2.52
C PHE C 264 16.23 27.35 -2.84
N LYS C 265 15.66 28.38 -2.24
CA LYS C 265 16.03 29.74 -2.52
C LYS C 265 15.75 30.57 -1.28
N LEU C 266 16.39 31.74 -1.19
CA LEU C 266 16.30 32.53 0.03
C LEU C 266 14.96 33.26 0.11
N GLY C 267 14.37 33.26 1.30
CA GLY C 267 13.35 34.24 1.60
C GLY C 267 11.92 33.77 1.67
N THR D 2 17.10 20.95 3.04
CA THR D 2 17.00 19.56 3.48
C THR D 2 16.06 18.77 2.58
N VAL D 3 16.51 17.64 2.03
CA VAL D 3 15.64 16.76 1.26
C VAL D 3 15.56 15.42 1.99
N ILE D 4 14.34 14.91 2.13
CA ILE D 4 14.05 13.63 2.79
C ILE D 4 13.34 12.76 1.77
N ASN D 5 13.85 11.54 1.58
CA ASN D 5 13.23 10.54 0.70
C ASN D 5 12.59 9.42 1.51
N LEU D 6 11.38 9.02 1.13
CA LEU D 6 10.73 7.84 1.67
C LEU D 6 10.56 6.80 0.57
N PHE D 7 11.04 5.58 0.82
CA PHE D 7 10.83 4.45 -0.07
C PHE D 7 9.97 3.40 0.59
N ALA D 8 9.17 2.71 -0.22
CA ALA D 8 8.15 1.79 0.27
C ALA D 8 8.79 0.53 0.88
N PRO D 9 8.10 -0.12 1.84
CA PRO D 9 8.76 -1.07 2.74
C PRO D 9 9.77 -2.02 2.10
N GLY D 10 9.35 -2.95 1.26
CA GLY D 10 10.32 -3.96 0.86
C GLY D 10 10.96 -3.75 -0.51
N LYS D 11 11.01 -2.52 -0.99
CA LYS D 11 11.21 -2.28 -2.42
C LYS D 11 12.62 -1.83 -2.82
N VAL D 12 13.54 -1.63 -1.88
CA VAL D 12 14.76 -0.89 -2.17
C VAL D 12 15.78 -1.18 -1.10
N ASN D 13 17.03 -1.31 -1.49
CA ASN D 13 18.14 -1.52 -0.56
C ASN D 13 19.11 -0.35 -0.67
N LEU D 14 19.54 0.19 0.47
CA LEU D 14 20.43 1.32 0.46
C LEU D 14 21.86 0.86 0.23
N VAL D 15 22.64 1.65 -0.52
CA VAL D 15 24.05 1.36 -0.76
C VAL D 15 24.73 1.16 0.59
N GLU D 16 25.30 -0.03 0.80
CA GLU D 16 25.81 -0.40 2.12
C GLU D 16 26.97 0.47 2.58
N GLN D 17 27.58 1.24 1.67
CA GLN D 17 28.70 2.12 2.00
C GLN D 17 28.27 3.44 2.62
N LEU D 18 27.02 3.85 2.43
CA LEU D 18 26.55 5.15 2.87
C LEU D 18 26.18 5.15 4.35
N GLU D 19 26.50 6.25 5.02
CA GLU D 19 26.24 6.43 6.44
C GLU D 19 26.12 7.92 6.71
N SER D 20 25.82 8.26 7.95
CA SER D 20 25.78 9.65 8.33
C SER D 20 27.10 10.34 7.97
N LEU D 21 26.99 11.51 7.35
CA LEU D 21 28.08 12.39 6.92
C LEU D 21 28.77 11.95 5.63
N SER D 22 28.21 10.98 4.90
CA SER D 22 28.72 10.67 3.58
C SER D 22 28.36 11.81 2.62
N VAL D 23 29.37 12.26 1.86
CA VAL D 23 29.12 13.27 0.84
C VAL D 23 28.20 12.68 -0.22
N THR D 24 27.19 13.45 -0.62
CA THR D 24 26.29 13.05 -1.70
C THR D 24 26.50 13.96 -2.90
N LYS D 25 26.42 13.38 -4.10
CA LYS D 25 26.44 14.14 -5.33
C LYS D 25 25.38 13.58 -6.25
N ILE D 26 24.55 14.47 -6.79
CA ILE D 26 23.47 14.14 -7.72
C ILE D 26 23.93 13.08 -8.71
N GLY D 27 23.15 12.01 -8.87
CA GLY D 27 23.42 11.00 -9.87
C GLY D 27 24.35 9.87 -9.45
N GLN D 28 25.04 9.98 -8.33
CA GLN D 28 25.74 8.85 -7.76
C GLN D 28 24.73 7.83 -7.23
N PRO D 29 25.12 6.57 -7.09
CA PRO D 29 24.16 5.55 -6.64
C PRO D 29 23.77 5.78 -5.18
N LEU D 30 22.47 5.65 -4.90
CA LEU D 30 21.90 5.79 -3.56
C LEU D 30 21.24 4.52 -3.05
N ALA D 31 20.39 3.91 -3.88
CA ALA D 31 19.73 2.67 -3.52
C ALA D 31 19.55 1.82 -4.77
N VAL D 32 19.46 0.51 -4.56
CA VAL D 32 19.20 -0.43 -5.64
C VAL D 32 18.00 -1.32 -5.28
N SER D 33 17.14 -1.55 -6.28
CA SER D 33 15.92 -2.32 -6.12
C SER D 33 16.17 -3.72 -5.53
N THR D 34 15.14 -4.25 -4.84
CA THR D 34 15.27 -5.57 -4.24
C THR D 34 15.08 -6.67 -5.28
N GLU D 35 15.69 -7.83 -5.01
CA GLU D 35 15.65 -9.02 -5.86
C GLU D 35 15.75 -8.74 -7.36
N ASP E 13 16.28 -42.10 14.50
CA ASP E 13 15.88 -40.75 14.13
C ASP E 13 16.15 -40.46 12.63
N PRO E 14 17.40 -40.27 12.17
CA PRO E 14 17.62 -39.86 10.77
C PRO E 14 17.31 -40.95 9.75
N MET E 15 16.88 -42.14 10.19
CA MET E 15 16.39 -43.20 9.30
C MET E 15 14.88 -43.09 9.12
N LEU E 16 14.12 -43.19 10.22
CA LEU E 16 12.66 -43.03 10.15
C LEU E 16 12.31 -41.72 9.47
N ASN E 17 13.02 -40.64 9.82
CA ASN E 17 12.81 -39.34 9.18
C ASN E 17 12.92 -39.44 7.66
N SER E 18 14.02 -40.00 7.17
CA SER E 18 14.19 -40.00 5.72
C SER E 18 13.29 -41.00 5.01
N PHE E 19 12.80 -42.02 5.71
CA PHE E 19 11.83 -42.90 5.08
C PHE E 19 10.39 -42.43 5.32
N LYS E 20 10.15 -41.59 6.33
CA LYS E 20 8.90 -40.85 6.34
C LYS E 20 8.85 -39.85 5.19
N LEU E 21 9.96 -39.15 4.92
CA LEU E 21 10.02 -38.15 3.86
C LEU E 21 9.96 -38.77 2.47
N SER E 22 10.42 -40.01 2.35
CA SER E 22 10.34 -40.68 1.06
C SER E 22 8.92 -41.07 0.71
N LEU E 23 8.12 -41.38 1.75
CA LEU E 23 6.72 -41.71 1.51
C LEU E 23 5.98 -40.55 0.87
N GLN E 24 6.18 -39.33 1.38
CA GLN E 24 5.60 -38.13 0.79
C GLN E 24 5.69 -38.15 -0.74
N TYR E 25 6.87 -38.50 -1.29
CA TYR E 25 7.13 -38.36 -2.72
C TYR E 25 6.36 -39.39 -3.52
N ILE E 26 6.47 -40.65 -3.12
CA ILE E 26 5.85 -41.73 -3.88
C ILE E 26 4.35 -41.83 -3.64
N LEU E 27 3.85 -41.31 -2.53
CA LEU E 27 2.44 -41.49 -2.20
C LEU E 27 1.55 -40.85 -3.26
N PRO E 28 0.52 -41.54 -3.74
CA PRO E 28 -0.42 -40.86 -4.64
C PRO E 28 -1.34 -39.97 -3.83
N LYS E 29 -0.81 -38.82 -3.38
CA LYS E 29 -1.53 -37.99 -2.41
C LYS E 29 -2.90 -37.58 -2.93
N LEU E 30 -3.05 -37.35 -4.24
CA LEU E 30 -4.32 -36.87 -4.74
C LEU E 30 -5.40 -37.96 -4.68
N TRP E 31 -5.04 -39.19 -5.05
CA TRP E 31 -6.04 -40.26 -5.07
C TRP E 31 -6.41 -40.69 -3.66
N LEU E 32 -5.42 -40.76 -2.76
CA LEU E 32 -5.70 -40.96 -1.35
C LEU E 32 -6.68 -39.92 -0.83
N THR E 33 -6.41 -38.65 -1.12
CA THR E 33 -7.28 -37.55 -0.68
C THR E 33 -8.70 -37.78 -1.16
N ARG E 34 -8.87 -38.17 -2.42
CA ARG E 34 -10.22 -38.28 -2.95
C ARG E 34 -10.91 -39.55 -2.49
N LEU E 35 -10.17 -40.64 -2.28
CA LEU E 35 -10.75 -41.80 -1.65
C LEU E 35 -11.30 -41.44 -0.27
N ALA E 36 -10.48 -40.76 0.54
CA ALA E 36 -10.90 -40.36 1.90
C ALA E 36 -12.10 -39.44 1.86
N GLY E 37 -12.13 -38.51 0.92
CA GLY E 37 -13.30 -37.64 0.81
C GLY E 37 -14.54 -38.38 0.34
N TRP E 38 -14.37 -39.38 -0.53
CA TRP E 38 -15.51 -40.18 -0.95
C TRP E 38 -16.07 -40.96 0.22
N GLY E 39 -15.19 -41.57 1.02
CA GLY E 39 -15.65 -42.27 2.20
C GLY E 39 -16.21 -41.33 3.24
N ALA E 40 -15.65 -40.13 3.35
CA ALA E 40 -16.06 -39.20 4.40
C ALA E 40 -17.40 -38.56 4.12
N SER E 41 -17.98 -38.75 2.93
CA SER E 41 -19.24 -38.13 2.57
C SER E 41 -20.39 -39.11 2.39
N LYS E 42 -20.15 -40.40 2.55
CA LYS E 42 -21.23 -41.37 2.41
C LYS E 42 -21.89 -41.62 3.77
N ARG E 43 -23.22 -41.70 3.78
CA ARG E 43 -23.96 -41.88 5.04
C ARG E 43 -24.07 -43.38 5.33
N ALA E 44 -23.10 -43.92 6.07
CA ALA E 44 -23.01 -45.36 6.33
C ALA E 44 -23.32 -45.72 7.77
N GLY E 45 -24.11 -44.90 8.45
CA GLY E 45 -24.69 -45.28 9.74
C GLY E 45 -23.75 -45.76 10.84
N TRP E 46 -23.81 -47.05 11.16
CA TRP E 46 -23.05 -47.55 12.30
C TRP E 46 -21.58 -47.65 11.98
N LEU E 47 -21.23 -47.63 10.70
CA LEU E 47 -19.83 -47.63 10.35
C LEU E 47 -19.23 -46.22 10.41
N THR E 48 -19.99 -45.18 10.03
CA THR E 48 -19.40 -43.86 10.18
C THR E 48 -19.27 -43.49 11.64
N LYS E 49 -20.22 -43.93 12.48
CA LYS E 49 -20.07 -43.77 13.92
C LYS E 49 -18.86 -44.54 14.43
N LEU E 50 -18.75 -45.81 14.03
CA LEU E 50 -17.59 -46.61 14.45
C LEU E 50 -16.28 -45.89 14.14
N VAL E 51 -16.16 -45.30 12.93
CA VAL E 51 -14.93 -44.57 12.60
C VAL E 51 -14.82 -43.28 13.42
N ILE E 52 -15.92 -42.50 13.49
CA ILE E 52 -15.90 -41.27 14.29
C ILE E 52 -15.34 -41.56 15.67
N ASP E 53 -15.90 -42.58 16.35
CA ASP E 53 -15.49 -42.89 17.72
C ASP E 53 -14.04 -43.35 17.81
N LEU E 54 -13.56 -44.10 16.81
CA LEU E 54 -12.14 -44.46 16.81
C LEU E 54 -11.27 -43.23 16.58
N PHE E 55 -11.73 -42.31 15.74
CA PHE E 55 -11.07 -41.02 15.59
C PHE E 55 -11.02 -40.28 16.93
N VAL E 56 -12.16 -40.16 17.60
CA VAL E 56 -12.20 -39.54 18.93
C VAL E 56 -11.26 -40.26 19.89
N LYS E 57 -11.16 -41.59 19.79
CA LYS E 57 -10.26 -42.35 20.65
C LYS E 57 -8.80 -42.01 20.35
N TYR E 58 -8.33 -42.34 19.14
CA TYR E 58 -6.92 -42.16 18.81
C TYR E 58 -6.45 -40.72 19.05
N TYR E 59 -7.24 -39.75 18.62
CA TYR E 59 -6.81 -38.35 18.58
C TYR E 59 -7.27 -37.54 19.80
N LYS E 60 -7.86 -38.20 20.80
CA LYS E 60 -8.25 -37.53 22.05
C LYS E 60 -9.11 -36.29 21.77
N VAL E 61 -10.08 -36.44 20.86
CA VAL E 61 -10.97 -35.33 20.57
C VAL E 61 -11.80 -35.03 21.80
N ASP E 62 -11.99 -33.74 22.09
CA ASP E 62 -12.83 -33.30 23.20
C ASP E 62 -14.22 -33.06 22.64
N MET E 63 -15.09 -34.06 22.75
CA MET E 63 -16.47 -33.91 22.31
C MET E 63 -17.30 -33.04 23.25
N LYS E 64 -16.79 -32.70 24.43
CA LYS E 64 -17.58 -31.85 25.33
C LYS E 64 -17.82 -30.48 24.71
N GLU E 65 -16.78 -29.87 24.11
CA GLU E 65 -16.91 -28.55 23.51
C GLU E 65 -17.81 -28.55 22.29
N ALA E 66 -18.20 -29.73 21.79
CA ALA E 66 -19.06 -29.79 20.62
C ALA E 66 -20.50 -29.45 20.98
N GLN E 67 -21.18 -28.82 20.03
CA GLN E 67 -22.61 -28.58 20.14
C GLN E 67 -23.38 -29.89 20.27
N LYS E 68 -22.86 -30.95 19.67
CA LYS E 68 -23.53 -32.24 19.64
C LYS E 68 -22.53 -33.29 20.09
N PRO E 69 -22.40 -33.52 21.40
CA PRO E 69 -21.41 -34.49 21.88
C PRO E 69 -21.72 -35.92 21.50
N ASP E 70 -22.88 -36.16 20.91
CA ASP E 70 -23.33 -37.50 20.59
C ASP E 70 -22.77 -37.87 19.21
N THR E 71 -21.76 -38.74 19.19
CA THR E 71 -21.19 -39.08 17.89
C THR E 71 -22.21 -39.70 16.95
N ALA E 72 -23.36 -40.12 17.48
CA ALA E 72 -24.42 -40.69 16.67
C ALA E 72 -25.23 -39.63 15.94
N SER E 73 -25.09 -38.35 16.28
CA SER E 73 -25.85 -37.32 15.59
C SER E 73 -25.10 -36.75 14.39
N TYR E 74 -24.12 -37.48 13.89
CA TYR E 74 -23.37 -37.10 12.69
C TYR E 74 -23.66 -38.13 11.60
N ARG E 75 -24.24 -37.65 10.49
CA ARG E 75 -24.71 -38.54 9.44
C ARG E 75 -23.60 -38.98 8.50
N THR E 76 -22.43 -38.35 8.57
CA THR E 76 -21.29 -38.80 7.78
C THR E 76 -20.02 -38.26 8.42
N PHE E 77 -18.88 -38.90 8.13
CA PHE E 77 -17.64 -38.52 8.79
C PHE E 77 -17.32 -37.04 8.59
N ASN E 78 -17.46 -36.53 7.36
CA ASN E 78 -17.14 -35.13 7.14
C ASN E 78 -17.97 -34.21 8.03
N GLU E 79 -19.25 -34.54 8.22
CA GLU E 79 -20.11 -33.70 9.04
C GLU E 79 -19.60 -33.61 10.47
N PHE E 80 -19.02 -34.69 10.98
CA PHE E 80 -18.34 -34.63 12.26
C PHE E 80 -17.05 -33.82 12.16
N PHE E 81 -16.28 -33.99 11.08
CA PHE E 81 -15.01 -33.27 10.93
C PHE E 81 -15.22 -31.76 11.07
N VAL E 82 -16.31 -31.23 10.52
CA VAL E 82 -16.58 -29.80 10.54
C VAL E 82 -17.59 -29.41 11.65
N ARG E 83 -17.62 -30.15 12.75
CA ARG E 83 -18.72 -30.03 13.74
C ARG E 83 -18.71 -28.67 14.44
N PRO E 84 -19.88 -28.01 14.57
CA PRO E 84 -19.91 -26.73 15.27
C PRO E 84 -19.53 -26.87 16.73
N LEU E 85 -18.86 -25.84 17.24
CA LEU E 85 -18.51 -25.74 18.64
C LEU E 85 -19.64 -24.99 19.37
N ARG E 86 -19.82 -25.28 20.65
CA ARG E 86 -20.82 -24.53 21.41
C ARG E 86 -20.34 -23.11 21.65
N ASP E 87 -21.26 -22.13 21.51
CA ASP E 87 -20.80 -20.74 21.47
C ASP E 87 -20.21 -20.27 22.79
N GLU E 88 -20.47 -20.98 23.88
CA GLU E 88 -19.87 -20.59 25.15
C GLU E 88 -18.37 -20.81 25.16
N VAL E 89 -17.88 -21.81 24.42
CA VAL E 89 -16.52 -22.30 24.66
C VAL E 89 -15.42 -21.48 23.96
N ARG E 90 -15.78 -20.51 23.13
CA ARG E 90 -14.79 -19.65 22.47
C ARG E 90 -15.22 -18.19 22.59
N PRO E 91 -15.03 -17.58 23.76
CA PRO E 91 -15.32 -16.14 23.91
C PRO E 91 -14.34 -15.27 23.12
N ILE E 92 -14.88 -14.37 22.32
CA ILE E 92 -14.10 -13.47 21.50
C ILE E 92 -13.77 -12.21 22.28
N ASP E 93 -12.49 -12.01 22.60
CA ASP E 93 -11.98 -10.78 23.23
C ASP E 93 -12.64 -9.55 22.61
N THR E 94 -13.29 -8.74 23.46
CA THR E 94 -14.09 -7.62 22.99
C THR E 94 -13.30 -6.33 22.79
N ASP E 95 -12.03 -6.29 23.17
CA ASP E 95 -11.20 -5.11 22.92
C ASP E 95 -11.09 -4.83 21.42
N PRO E 96 -11.52 -3.67 20.93
CA PRO E 96 -11.52 -3.43 19.47
C PRO E 96 -10.14 -3.23 18.87
N ASN E 97 -9.12 -2.89 19.66
CA ASN E 97 -7.75 -2.74 19.23
C ASN E 97 -6.97 -4.04 19.25
N VAL E 98 -7.65 -5.16 19.53
CA VAL E 98 -7.06 -6.49 19.56
C VAL E 98 -7.64 -7.30 18.42
N LEU E 99 -6.75 -7.93 17.66
CA LEU E 99 -7.08 -8.97 16.70
C LEU E 99 -6.90 -10.33 17.38
N VAL E 100 -7.72 -11.31 17.02
CA VAL E 100 -7.72 -12.53 17.81
C VAL E 100 -7.53 -13.73 16.91
N MET E 101 -7.20 -14.88 17.53
CA MET E 101 -6.77 -16.07 16.81
C MET E 101 -7.87 -16.61 15.90
N PRO E 102 -7.55 -16.94 14.64
CA PRO E 102 -8.61 -17.34 13.71
C PRO E 102 -9.00 -18.81 13.82
N ALA E 103 -8.21 -19.63 14.51
CA ALA E 103 -8.39 -21.08 14.43
C ALA E 103 -7.87 -21.78 15.69
N ASP E 104 -8.49 -22.91 16.02
CA ASP E 104 -7.95 -23.75 17.08
C ASP E 104 -6.73 -24.51 16.57
N GLY E 105 -5.65 -24.46 17.32
CA GLY E 105 -4.55 -25.32 16.95
C GLY E 105 -3.25 -24.87 17.57
N VAL E 106 -2.20 -24.84 16.75
CA VAL E 106 -0.85 -24.62 17.25
C VAL E 106 -0.11 -23.73 16.28
N ILE E 107 0.57 -22.72 16.81
CA ILE E 107 1.46 -21.85 16.04
C ILE E 107 2.61 -22.66 15.46
N SER E 108 2.66 -22.79 14.14
CA SER E 108 3.84 -23.36 13.50
C SER E 108 4.97 -22.35 13.50
N GLN E 109 4.71 -21.13 12.98
CA GLN E 109 5.65 -20.01 12.98
C GLN E 109 4.85 -18.71 12.97
N LEU E 110 5.53 -17.64 13.33
CA LEU E 110 4.97 -16.29 13.46
C LEU E 110 6.13 -15.31 13.57
N GLY E 111 5.93 -14.11 13.07
CA GLY E 111 6.96 -13.10 13.24
C GLY E 111 6.92 -12.07 12.12
N LYS E 112 8.07 -11.43 11.93
CA LYS E 112 8.21 -10.33 10.99
C LYS E 112 8.52 -10.87 9.60
N ILE E 113 7.74 -10.45 8.61
CA ILE E 113 8.08 -10.77 7.22
C ILE E 113 9.32 -9.98 6.86
N GLU E 114 10.43 -10.66 6.70
CA GLU E 114 11.70 -9.98 6.46
C GLU E 114 11.80 -9.62 4.99
N GLU E 115 11.30 -8.45 4.60
CA GLU E 115 11.43 -7.97 3.23
C GLU E 115 11.08 -9.10 2.26
N ASP E 116 9.79 -9.37 2.14
CA ASP E 116 9.15 -10.34 1.25
C ASP E 116 9.36 -11.80 1.69
N LYS E 117 10.21 -12.10 2.67
CA LYS E 117 10.47 -13.49 3.07
C LYS E 117 9.70 -13.88 4.34
N ILE E 118 9.12 -15.09 4.32
CA ILE E 118 8.39 -15.64 5.46
C ILE E 118 9.12 -16.89 5.94
N LEU E 119 9.32 -17.00 7.25
CA LEU E 119 10.02 -18.16 7.81
C LEU E 119 9.09 -19.36 7.83
N GLN E 120 9.57 -20.49 7.30
CA GLN E 120 8.81 -21.73 7.30
C GLN E 120 9.28 -22.70 8.37
N ALA E 121 10.58 -22.73 8.62
CA ALA E 121 11.26 -23.56 9.60
C ALA E 121 12.71 -23.11 9.61
N LYS E 122 13.42 -23.38 10.70
CA LYS E 122 14.83 -23.04 10.81
C LYS E 122 15.55 -23.47 9.56
N GLY E 123 16.14 -22.50 8.86
CA GLY E 123 16.80 -22.77 7.59
C GLY E 123 15.86 -23.12 6.45
N HIS E 124 14.74 -22.42 6.35
CA HIS E 124 13.75 -22.62 5.29
C HIS E 124 12.82 -21.42 5.30
N ASN E 125 12.82 -20.65 4.23
CA ASN E 125 11.82 -19.61 4.05
C ASN E 125 11.22 -19.67 2.67
N TYR E 126 10.14 -18.92 2.49
CA TYR E 126 9.45 -18.80 1.21
C TYR E 126 9.08 -17.35 1.04
N SER E 127 8.70 -17.00 -0.18
CA SER E 127 8.49 -15.62 -0.56
C SER E 127 7.01 -15.30 -0.68
N LEU E 128 6.64 -14.12 -0.20
CA LEU E 128 5.36 -13.47 -0.46
C LEU E 128 4.83 -13.77 -1.87
N GLU E 129 5.65 -13.58 -2.90
CA GLU E 129 5.13 -13.71 -4.26
C GLU E 129 4.86 -15.16 -4.65
N ALA E 130 5.61 -16.09 -4.09
CA ALA E 130 5.29 -17.49 -4.30
C ALA E 130 4.01 -17.85 -3.58
N LEU E 131 3.91 -17.48 -2.30
CA LEU E 131 2.68 -17.75 -1.56
C LEU E 131 1.47 -17.16 -2.28
N LEU E 132 1.61 -15.96 -2.86
CA LEU E 132 0.46 -15.27 -3.43
C LEU E 132 0.34 -15.51 -4.92
N ALA E 133 0.98 -16.57 -5.42
CA ALA E 133 0.80 -17.03 -6.79
C ALA E 133 1.20 -15.96 -7.80
N GLY E 134 2.32 -15.28 -7.52
CA GLY E 134 2.83 -14.27 -8.41
C GLY E 134 2.11 -12.93 -8.37
N ASN E 135 1.23 -12.70 -7.41
CA ASN E 135 0.52 -11.43 -7.36
C ASN E 135 1.44 -10.41 -6.72
N TYR E 136 2.31 -9.78 -7.53
CA TYR E 136 3.35 -8.92 -6.97
C TYR E 136 2.76 -7.66 -6.31
N LEU E 137 1.66 -7.14 -6.82
CA LEU E 137 1.02 -5.99 -6.17
C LEU E 137 0.44 -6.38 -4.81
N MET E 138 -0.23 -7.53 -4.73
CA MET E 138 -0.70 -7.98 -3.42
C MET E 138 0.48 -8.29 -2.50
N ALA E 139 1.58 -8.79 -3.06
CA ALA E 139 2.71 -8.99 -2.17
C ALA E 139 3.22 -7.65 -1.62
N ASP E 140 3.05 -6.57 -2.39
CA ASP E 140 3.60 -5.29 -1.97
C ASP E 140 2.92 -4.74 -0.74
N LEU E 141 1.65 -5.13 -0.49
CA LEU E 141 0.95 -4.64 0.69
C LEU E 141 1.45 -5.28 1.96
N PHE E 142 2.30 -6.30 1.90
CA PHE E 142 2.68 -7.02 3.09
C PHE E 142 4.19 -7.15 3.27
N ARG E 143 4.99 -6.56 2.38
CA ARG E 143 6.43 -6.56 2.60
C ARG E 143 6.72 -5.88 3.92
N ASN E 144 7.61 -6.50 4.71
CA ASN E 144 7.99 -6.01 6.03
C ASN E 144 6.78 -5.97 6.95
N GLY E 145 5.79 -6.79 6.66
CA GLY E 145 4.62 -6.95 7.50
C GLY E 145 4.81 -8.01 8.56
N THR E 146 3.68 -8.61 8.94
CA THR E 146 3.63 -9.61 10.00
C THR E 146 2.80 -10.78 9.52
N PHE E 147 3.30 -11.99 9.77
CA PHE E 147 2.62 -13.22 9.43
C PHE E 147 2.49 -14.11 10.66
N VAL E 148 1.45 -14.93 10.67
CA VAL E 148 1.31 -16.00 11.65
C VAL E 148 0.81 -17.24 10.91
N THR E 149 1.35 -18.40 11.30
CA THR E 149 1.06 -19.66 10.63
C THR E 149 0.56 -20.68 11.65
N THR E 150 -0.71 -21.05 11.51
CA THR E 150 -1.40 -21.90 12.47
C THR E 150 -1.66 -23.26 11.83
N TYR E 151 -1.21 -24.32 12.48
CA TYR E 151 -1.56 -25.69 12.10
C TYR E 151 -2.78 -26.17 12.88
N LEU E 152 -3.86 -26.52 12.17
CA LEU E 152 -4.96 -27.29 12.73
C LEU E 152 -4.63 -28.77 12.69
N SER E 153 -4.56 -29.39 13.87
CA SER E 153 -4.38 -30.83 14.04
C SER E 153 -5.69 -31.57 13.80
N PRO E 154 -5.65 -32.89 13.57
CA PRO E 154 -6.92 -33.63 13.39
C PRO E 154 -7.82 -33.56 14.60
N ARG E 155 -7.22 -33.41 15.80
CA ARG E 155 -7.99 -33.29 17.03
C ARG E 155 -8.91 -32.09 17.01
N ASP E 156 -8.45 -30.99 16.39
CA ASP E 156 -8.98 -29.66 16.63
C ASP E 156 -10.23 -29.39 15.81
N TYR E 157 -10.87 -28.28 16.15
CA TYR E 157 -11.99 -27.73 15.39
C TYR E 157 -11.50 -27.21 14.03
N HIS E 158 -12.22 -27.54 12.97
CA HIS E 158 -11.75 -27.35 11.60
C HIS E 158 -12.51 -26.27 10.85
N ARG E 159 -13.19 -25.37 11.56
CA ARG E 159 -13.64 -24.12 10.95
C ARG E 159 -12.73 -22.98 11.39
N VAL E 160 -12.78 -21.89 10.62
CA VAL E 160 -11.82 -20.80 10.69
C VAL E 160 -12.61 -19.49 10.74
N HIS E 161 -12.20 -18.59 11.65
CA HIS E 161 -12.94 -17.36 11.89
C HIS E 161 -12.09 -16.12 11.67
N MET E 162 -12.78 -14.97 11.62
CA MET E 162 -12.14 -13.69 11.36
C MET E 162 -11.33 -13.24 12.58
N PRO E 163 -10.09 -12.76 12.38
CA PRO E 163 -9.35 -12.21 13.52
C PRO E 163 -9.82 -10.82 13.96
N CYS E 164 -10.60 -10.13 13.13
CA CYS E 164 -11.13 -8.80 13.38
C CYS E 164 -12.19 -8.54 12.32
N ASN E 165 -12.78 -7.36 12.33
CA ASN E 165 -13.77 -7.08 11.30
C ASN E 165 -13.06 -6.91 9.95
N GLY E 166 -13.82 -7.12 8.89
CA GLY E 166 -13.25 -7.07 7.56
C GLY E 166 -14.30 -6.97 6.49
N ILE E 167 -13.92 -6.35 5.37
CA ILE E 167 -14.72 -6.32 4.16
C ILE E 167 -13.95 -7.10 3.11
N LEU E 168 -14.50 -8.22 2.67
CA LEU E 168 -13.84 -9.03 1.66
C LEU E 168 -13.68 -8.22 0.38
N ARG E 169 -12.46 -8.23 -0.17
CA ARG E 169 -12.14 -7.56 -1.42
C ARG E 169 -11.77 -8.54 -2.51
N GLU E 170 -10.92 -9.52 -2.19
CA GLU E 170 -10.38 -10.43 -3.18
C GLU E 170 -10.28 -11.82 -2.57
N MET E 171 -10.61 -12.83 -3.37
CA MET E 171 -10.35 -14.23 -3.03
C MET E 171 -9.68 -14.89 -4.23
N ILE E 172 -8.57 -15.59 -3.98
CA ILE E 172 -7.81 -16.26 -5.02
C ILE E 172 -7.69 -17.74 -4.69
N TYR E 173 -8.11 -18.58 -5.63
CA TYR E 173 -7.88 -20.01 -5.54
C TYR E 173 -6.61 -20.39 -6.32
N VAL E 174 -5.71 -21.11 -5.67
CA VAL E 174 -4.43 -21.52 -6.23
C VAL E 174 -4.37 -23.04 -6.31
N PRO E 175 -4.40 -23.65 -7.50
CA PRO E 175 -4.12 -25.09 -7.60
C PRO E 175 -2.71 -25.37 -7.12
N GLY E 176 -2.45 -26.61 -6.74
CA GLY E 176 -1.20 -26.92 -6.11
C GLY E 176 -1.09 -28.38 -5.74
N ASP E 177 0.00 -28.70 -5.05
CA ASP E 177 0.19 -30.06 -4.60
C ASP E 177 -0.64 -30.30 -3.34
N LEU E 178 -0.54 -31.51 -2.79
CA LEU E 178 -1.22 -31.89 -1.58
C LEU E 178 -0.24 -32.69 -0.73
N PHE E 179 0.90 -32.06 -0.44
CA PHE E 179 1.77 -32.60 0.58
C PHE E 179 1.07 -32.60 1.93
N SER E 180 1.60 -33.42 2.82
CA SER E 180 1.15 -33.43 4.21
C SER E 180 1.89 -32.35 4.97
N VAL E 181 1.19 -31.69 5.89
CA VAL E 181 1.79 -30.65 6.70
C VAL E 181 1.98 -31.19 8.11
N ASN E 182 3.19 -31.02 8.63
CA ASN E 182 3.66 -31.51 9.90
C ASN E 182 5.10 -31.07 10.01
N HIS E 183 5.68 -31.21 11.21
CA HIS E 183 7.00 -30.65 11.46
C HIS E 183 8.04 -31.19 10.48
N LEU E 184 7.87 -32.42 10.01
CA LEU E 184 8.90 -33.02 9.18
C LEU E 184 8.82 -32.59 7.73
N THR E 185 7.63 -32.32 7.19
CA THR E 185 7.60 -31.73 5.84
C THR E 185 7.90 -30.24 5.88
N ALA E 186 7.43 -29.54 6.92
CA ALA E 186 7.74 -28.11 7.04
C ALA E 186 9.24 -27.88 7.16
N GLN E 187 9.96 -28.81 7.76
CA GLN E 187 11.41 -28.71 7.89
C GLN E 187 12.16 -29.29 6.71
N ASN E 188 11.49 -29.90 5.72
CA ASN E 188 12.25 -30.47 4.61
C ASN E 188 11.65 -30.25 3.22
N VAL E 189 10.37 -29.96 3.07
CA VAL E 189 9.77 -29.69 1.77
C VAL E 189 9.88 -28.19 1.50
N PRO E 190 10.68 -27.76 0.54
CA PRO E 190 10.77 -26.32 0.26
C PRO E 190 9.49 -25.76 -0.36
N ASN E 191 9.20 -24.50 -0.01
CA ASN E 191 7.99 -23.81 -0.42
C ASN E 191 6.72 -24.62 -0.11
N LEU E 192 6.71 -25.31 1.04
CA LEU E 192 5.61 -26.22 1.35
C LEU E 192 4.25 -25.54 1.20
N PHE E 193 4.07 -24.35 1.78
CA PHE E 193 2.79 -23.67 1.69
C PHE E 193 2.63 -22.86 0.41
N ALA E 194 3.73 -22.56 -0.28
CA ALA E 194 3.63 -21.93 -1.59
C ALA E 194 3.42 -22.94 -2.70
N ARG E 195 3.43 -24.25 -2.40
CA ARG E 195 3.09 -25.28 -3.38
C ARG E 195 1.73 -25.92 -3.15
N ASN E 196 1.27 -26.08 -1.90
CA ASN E 196 0.00 -26.76 -1.67
C ASN E 196 -1.17 -25.91 -2.14
N GLU E 197 -2.16 -26.58 -2.74
CA GLU E 197 -3.46 -25.99 -3.02
C GLU E 197 -3.96 -25.17 -1.84
N ARG E 198 -4.63 -24.06 -2.15
CA ARG E 198 -4.89 -23.06 -1.11
C ARG E 198 -5.91 -22.06 -1.63
N VAL E 199 -6.49 -21.32 -0.71
CA VAL E 199 -7.42 -20.23 -1.01
C VAL E 199 -6.92 -19.02 -0.26
N ILE E 200 -6.72 -17.90 -1.00
CA ILE E 200 -6.29 -16.62 -0.43
C ILE E 200 -7.49 -15.71 -0.26
N CYS E 201 -7.52 -14.98 0.85
CA CYS E 201 -8.62 -14.06 1.16
C CYS E 201 -8.08 -12.71 1.54
N LEU E 202 -8.54 -11.66 0.85
CA LEU E 202 -8.02 -10.31 1.09
C LEU E 202 -9.12 -9.41 1.64
N PHE E 203 -8.82 -8.76 2.77
CA PHE E 203 -9.81 -7.98 3.50
C PHE E 203 -9.33 -6.55 3.68
N ASP E 204 -10.25 -5.61 3.57
CA ASP E 204 -10.09 -4.29 4.17
C ASP E 204 -10.48 -4.37 5.65
N THR E 205 -9.57 -3.92 6.52
CA THR E 205 -9.82 -3.88 7.95
C THR E 205 -9.33 -2.54 8.50
N GLU E 206 -9.69 -2.25 9.75
CA GLU E 206 -9.20 -1.04 10.40
C GLU E 206 -7.70 -1.07 10.66
N PHE E 207 -7.04 -2.19 10.34
CA PHE E 207 -5.59 -2.29 10.51
C PHE E 207 -4.87 -2.27 9.17
N GLY E 208 -5.55 -1.81 8.13
CA GLY E 208 -5.05 -1.92 6.78
C GLY E 208 -5.55 -3.18 6.13
N PRO E 209 -4.87 -3.62 5.08
CA PRO E 209 -5.27 -4.87 4.43
C PRO E 209 -4.82 -6.05 5.27
N MET E 210 -5.60 -7.12 5.17
CA MET E 210 -5.23 -8.36 5.81
C MET E 210 -5.55 -9.51 4.86
N ALA E 211 -4.68 -10.52 4.87
CA ALA E 211 -4.91 -11.74 4.10
C ALA E 211 -5.04 -12.92 5.05
N GLN E 212 -6.03 -13.77 4.79
CA GLN E 212 -6.22 -15.01 5.57
C GLN E 212 -6.27 -16.14 4.56
N ILE E 213 -5.33 -17.07 4.70
CA ILE E 213 -5.05 -18.06 3.66
C ILE E 213 -5.28 -19.43 4.27
N LEU E 214 -6.10 -20.24 3.60
CA LEU E 214 -6.40 -21.59 4.04
C LEU E 214 -5.62 -22.53 3.13
N VAL E 215 -4.73 -23.33 3.70
CA VAL E 215 -3.92 -24.23 2.90
C VAL E 215 -4.33 -25.68 3.20
N GLY E 216 -4.87 -26.36 2.18
CA GLY E 216 -5.17 -27.78 2.27
C GLY E 216 -3.92 -28.64 2.44
N ALA E 217 -4.15 -29.95 2.56
CA ALA E 217 -3.07 -30.92 2.71
C ALA E 217 -3.63 -32.30 2.34
N THR E 218 -2.78 -33.33 2.49
CA THR E 218 -3.26 -34.67 2.16
C THR E 218 -4.46 -35.01 3.02
N ILE E 219 -5.47 -35.60 2.39
CA ILE E 219 -6.71 -36.06 3.01
C ILE E 219 -7.58 -34.83 3.29
N VAL E 220 -7.10 -33.94 4.16
CA VAL E 220 -7.79 -32.70 4.49
C VAL E 220 -7.56 -31.70 3.35
N GLY E 221 -8.24 -31.89 2.23
CA GLY E 221 -7.97 -31.09 1.05
C GLY E 221 -9.14 -30.35 0.47
N SER E 222 -10.28 -30.32 1.15
CA SER E 222 -11.41 -29.50 0.72
C SER E 222 -11.42 -28.22 1.52
N ILE E 223 -11.65 -27.12 0.81
CA ILE E 223 -11.67 -25.81 1.43
C ILE E 223 -12.99 -25.17 1.07
N GLU E 224 -13.64 -24.57 2.05
CA GLU E 224 -14.81 -23.75 1.74
C GLU E 224 -14.74 -22.44 2.51
N THR E 225 -15.51 -21.48 2.00
CA THR E 225 -15.68 -20.18 2.64
C THR E 225 -17.16 -19.92 2.84
N VAL E 226 -17.49 -19.14 3.87
CA VAL E 226 -18.90 -18.97 4.22
C VAL E 226 -19.69 -18.20 3.19
N TRP E 227 -19.03 -17.65 2.15
CA TRP E 227 -19.72 -16.86 1.14
C TRP E 227 -19.74 -17.52 -0.23
N ALA E 228 -18.96 -18.57 -0.45
CA ALA E 228 -18.93 -19.25 -1.73
C ALA E 228 -19.18 -20.74 -1.61
N GLY E 229 -19.26 -21.29 -0.41
CA GLY E 229 -19.36 -22.73 -0.26
C GLY E 229 -18.05 -23.40 -0.62
N THR E 230 -18.17 -24.62 -1.13
CA THR E 230 -17.00 -25.45 -1.39
C THR E 230 -16.25 -24.92 -2.60
N ILE E 231 -15.03 -24.45 -2.35
CA ILE E 231 -14.17 -23.97 -3.43
C ILE E 231 -13.49 -25.13 -4.14
N THR E 232 -12.88 -26.04 -3.39
CA THR E 232 -12.39 -27.28 -3.94
C THR E 232 -12.81 -28.45 -3.06
N PRO E 233 -13.07 -29.63 -3.63
CA PRO E 233 -13.12 -30.00 -5.05
C PRO E 233 -14.38 -29.42 -5.71
N PRO E 234 -14.49 -29.48 -7.03
CA PRO E 234 -13.58 -30.04 -8.02
C PRO E 234 -12.27 -29.27 -8.19
N ARG E 235 -11.24 -29.93 -8.69
CA ARG E 235 -9.93 -29.33 -8.93
C ARG E 235 -9.78 -29.11 -10.42
N GLU E 236 -10.21 -27.94 -10.89
CA GLU E 236 -10.21 -27.61 -12.31
C GLU E 236 -8.82 -27.21 -12.86
N GLY E 237 -7.78 -27.18 -12.03
CA GLY E 237 -6.41 -27.08 -12.47
C GLY E 237 -5.90 -25.69 -12.77
N ILE E 238 -6.70 -24.64 -12.54
CA ILE E 238 -6.35 -23.29 -12.93
C ILE E 238 -6.49 -22.34 -11.74
N ILE E 239 -5.93 -21.16 -11.89
CA ILE E 239 -6.04 -20.09 -10.90
C ILE E 239 -7.34 -19.34 -11.13
N LYS E 240 -8.06 -19.01 -10.05
CA LYS E 240 -9.32 -18.27 -10.16
C LYS E 240 -9.29 -17.11 -9.18
N ARG E 241 -9.83 -15.98 -9.63
CA ARG E 241 -9.78 -14.72 -8.90
C ARG E 241 -11.17 -14.10 -8.82
N TRP E 242 -11.57 -13.63 -7.63
CA TRP E 242 -12.86 -12.96 -7.45
C TRP E 242 -12.66 -11.65 -6.69
N THR E 243 -13.41 -10.62 -7.09
CA THR E 243 -13.25 -9.29 -6.50
C THR E 243 -14.57 -8.81 -5.89
N TRP E 244 -14.45 -7.89 -4.93
CA TRP E 244 -15.59 -7.35 -4.19
C TRP E 244 -15.42 -5.86 -3.91
N PRO E 245 -16.50 -5.08 -4.01
CA PRO E 245 -16.42 -3.63 -3.76
C PRO E 245 -15.93 -3.28 -2.36
N ALA E 246 -15.70 -1.98 -2.14
CA ALA E 246 -14.87 -1.49 -1.04
C ALA E 246 -15.57 -1.51 0.33
N GLY E 247 -16.88 -1.70 0.40
CA GLY E 247 -17.58 -1.58 1.67
C GLY E 247 -18.21 -0.21 1.78
N GLU E 248 -19.46 -0.13 2.24
CA GLU E 248 -20.30 1.05 2.07
C GLU E 248 -20.64 1.27 0.60
N ASN E 249 -20.81 0.18 -0.14
CA ASN E 249 -21.30 0.21 -1.51
C ASN E 249 -22.04 -1.10 -1.73
N ASP E 250 -23.08 -1.06 -2.56
CA ASP E 250 -23.92 -2.24 -2.75
C ASP E 250 -23.12 -3.38 -3.36
N GLY E 251 -23.25 -4.58 -2.79
CA GLY E 251 -22.45 -5.71 -3.17
C GLY E 251 -21.32 -6.02 -2.21
N SER E 252 -21.02 -5.12 -1.29
CA SER E 252 -20.09 -5.38 -0.20
C SER E 252 -20.46 -6.70 0.48
N VAL E 253 -19.46 -7.38 1.03
CA VAL E 253 -19.70 -8.44 2.01
C VAL E 253 -18.74 -8.19 3.16
N ALA E 254 -19.27 -8.18 4.38
CA ALA E 254 -18.48 -7.94 5.57
C ALA E 254 -18.72 -9.07 6.56
N LEU E 255 -17.72 -9.32 7.39
CA LEU E 255 -17.80 -10.29 8.45
C LEU E 255 -17.19 -9.68 9.69
N LEU E 256 -17.74 -10.03 10.85
CA LEU E 256 -17.34 -9.43 12.12
C LEU E 256 -16.25 -10.24 12.81
N LYS E 257 -15.54 -9.58 13.70
CA LYS E 257 -14.49 -10.20 14.50
C LYS E 257 -14.96 -11.47 15.19
N GLY E 258 -14.46 -12.62 14.75
CA GLY E 258 -14.81 -13.89 15.35
C GLY E 258 -15.87 -14.67 14.59
N GLN E 259 -16.49 -14.07 13.59
CA GLN E 259 -17.45 -14.78 12.77
C GLN E 259 -16.74 -15.83 11.90
N GLU E 260 -17.42 -16.95 11.69
CA GLU E 260 -16.89 -17.99 10.83
C GLU E 260 -16.76 -17.48 9.39
N MET E 261 -15.60 -17.73 8.77
CA MET E 261 -15.36 -17.40 7.37
C MET E 261 -15.24 -18.61 6.46
N GLY E 262 -14.70 -19.72 6.97
CA GLY E 262 -14.50 -20.90 6.16
C GLY E 262 -14.09 -22.07 7.02
N ARG E 263 -13.74 -23.17 6.34
CA ARG E 263 -13.43 -24.41 7.03
C ARG E 263 -12.70 -25.35 6.09
N PHE E 264 -12.05 -26.34 6.69
CA PHE E 264 -11.42 -27.48 6.03
C PHE E 264 -12.27 -28.74 6.18
N LYS E 265 -12.06 -29.69 5.29
CA LYS E 265 -12.88 -30.90 5.19
C LYS E 265 -12.16 -31.93 4.33
N LEU E 266 -12.43 -33.20 4.58
CA LEU E 266 -11.72 -34.28 3.91
C LEU E 266 -12.12 -34.35 2.45
N GLY E 267 -11.14 -34.65 1.57
CA GLY E 267 -11.36 -34.81 0.15
C GLY E 267 -10.99 -33.59 -0.68
N THR F 2 -3.87 -25.76 7.48
CA THR F 2 -3.17 -24.61 8.09
C THR F 2 -3.78 -23.28 7.64
N VAL F 3 -3.70 -22.28 8.51
CA VAL F 3 -4.13 -20.92 8.20
C VAL F 3 -2.93 -20.00 8.35
N ILE F 4 -2.67 -19.20 7.31
CA ILE F 4 -1.63 -18.18 7.29
C ILE F 4 -2.30 -16.82 7.27
N ASN F 5 -1.93 -15.95 8.21
CA ASN F 5 -2.41 -14.57 8.23
C ASN F 5 -1.30 -13.62 7.83
N LEU F 6 -1.65 -12.58 7.07
CA LEU F 6 -0.72 -11.53 6.67
C LEU F 6 -1.26 -10.17 7.12
N PHE F 7 -0.41 -9.41 7.80
CA PHE F 7 -0.73 -8.07 8.27
C PHE F 7 0.26 -7.05 7.71
N ALA F 8 -0.28 -5.90 7.27
CA ALA F 8 0.49 -4.85 6.62
C ALA F 8 1.64 -4.38 7.51
N PRO F 9 2.75 -3.82 6.91
CA PRO F 9 4.02 -3.70 7.63
C PRO F 9 3.97 -3.05 9.01
N GLY F 10 3.57 -1.79 9.12
CA GLY F 10 3.75 -1.20 10.45
C GLY F 10 2.49 -1.02 11.26
N LYS F 11 1.50 -1.92 11.11
CA LYS F 11 0.15 -1.61 11.51
C LYS F 11 -0.40 -2.52 12.62
N VAL F 12 0.43 -3.42 13.16
CA VAL F 12 -0.02 -4.42 14.14
C VAL F 12 1.21 -4.90 14.88
N ASN F 13 1.09 -5.09 16.19
CA ASN F 13 2.09 -5.80 16.97
C ASN F 13 1.44 -7.10 17.48
N LEU F 14 2.18 -8.20 17.42
CA LEU F 14 1.64 -9.47 17.92
C LEU F 14 2.16 -9.76 19.32
N VAL F 15 1.30 -10.42 20.12
CA VAL F 15 1.49 -10.46 21.56
C VAL F 15 2.79 -11.16 21.89
N GLU F 16 3.59 -10.55 22.78
CA GLU F 16 4.95 -11.02 23.03
C GLU F 16 4.99 -12.46 23.48
N GLN F 17 3.88 -12.98 24.03
CA GLN F 17 3.86 -14.27 24.68
C GLN F 17 3.92 -15.43 23.68
N LEU F 18 3.30 -15.26 22.52
CA LEU F 18 3.21 -16.36 21.56
C LEU F 18 4.54 -16.63 20.88
N GLU F 19 4.97 -17.89 20.93
CA GLU F 19 6.07 -18.37 20.08
C GLU F 19 5.59 -19.61 19.34
N SER F 20 6.50 -20.23 18.59
CA SER F 20 6.15 -21.47 17.91
C SER F 20 5.78 -22.53 18.93
N LEU F 21 4.68 -23.25 18.64
CA LEU F 21 4.03 -24.30 19.45
C LEU F 21 3.11 -23.75 20.55
N SER F 22 2.76 -22.47 20.53
CA SER F 22 1.71 -21.98 21.43
C SER F 22 0.37 -22.49 20.95
N VAL F 23 -0.42 -23.12 21.83
CA VAL F 23 -1.72 -23.56 21.37
C VAL F 23 -2.57 -22.33 21.11
N THR F 24 -3.47 -22.44 20.13
CA THR F 24 -4.27 -21.31 19.68
C THR F 24 -5.74 -21.65 19.84
N LYS F 25 -6.48 -20.81 20.58
CA LYS F 25 -7.92 -20.98 20.73
C LYS F 25 -8.61 -19.75 20.18
N ILE F 26 -9.58 -19.95 19.30
CA ILE F 26 -10.18 -18.93 18.46
C ILE F 26 -10.34 -17.57 19.14
N GLY F 27 -11.02 -17.51 20.28
CA GLY F 27 -11.33 -16.16 20.73
C GLY F 27 -10.16 -15.32 21.23
N GLN F 28 -8.98 -15.93 21.45
CA GLN F 28 -7.95 -15.38 22.31
C GLN F 28 -7.05 -14.36 21.58
N PRO F 29 -6.41 -13.46 22.31
CA PRO F 29 -5.58 -12.43 21.65
C PRO F 29 -4.42 -13.03 20.88
N LEU F 30 -4.17 -12.45 19.68
CA LEU F 30 -3.03 -12.76 18.83
C LEU F 30 -2.18 -11.54 18.53
N ALA F 31 -2.78 -10.36 18.40
CA ALA F 31 -2.01 -9.17 18.07
C ALA F 31 -2.78 -7.93 18.47
N VAL F 32 -2.07 -6.89 18.91
CA VAL F 32 -2.67 -5.62 19.31
C VAL F 32 -2.27 -4.56 18.29
N SER F 33 -3.23 -3.69 17.95
CA SER F 33 -2.95 -2.60 17.04
C SER F 33 -1.78 -1.77 17.54
N THR F 34 -1.06 -1.17 16.60
CA THR F 34 0.12 -0.40 16.93
C THR F 34 -0.21 1.06 17.19
N GLU F 35 -1.38 1.51 16.74
CA GLU F 35 -1.92 2.81 17.08
C GLU F 35 -2.48 2.86 18.53
N ASP G 13 -14.44 -47.90 -30.32
CA ASP G 13 -13.98 -46.52 -30.27
C ASP G 13 -14.39 -45.87 -28.94
N PRO G 14 -15.69 -45.63 -28.71
CA PRO G 14 -16.08 -44.72 -27.62
C PRO G 14 -15.58 -45.16 -26.27
N MET G 15 -15.34 -46.45 -26.08
CA MET G 15 -14.83 -46.87 -24.79
C MET G 15 -13.31 -46.84 -24.73
N LEU G 16 -12.64 -47.19 -25.84
CA LEU G 16 -11.20 -47.06 -25.89
C LEU G 16 -10.77 -45.60 -25.77
N ASN G 17 -11.58 -44.68 -26.28
CA ASN G 17 -11.26 -43.27 -26.11
C ASN G 17 -11.40 -42.83 -24.66
N SER G 18 -12.44 -43.31 -23.97
CA SER G 18 -12.55 -43.02 -22.53
C SER G 18 -11.44 -43.70 -21.75
N PHE G 19 -10.96 -44.86 -22.21
CA PHE G 19 -9.84 -45.48 -21.53
C PHE G 19 -8.55 -44.69 -21.77
N LYS G 20 -8.31 -44.29 -23.02
CA LYS G 20 -7.18 -43.40 -23.31
C LYS G 20 -7.26 -42.14 -22.47
N LEU G 21 -8.46 -41.54 -22.40
CA LEU G 21 -8.61 -40.31 -21.65
C LEU G 21 -8.43 -40.54 -20.16
N SER G 22 -9.09 -41.59 -19.61
CA SER G 22 -8.82 -41.94 -18.21
C SER G 22 -7.33 -42.05 -17.97
N LEU G 23 -6.61 -42.63 -18.95
CA LEU G 23 -5.18 -42.87 -18.78
C LEU G 23 -4.42 -41.57 -18.56
N GLN G 24 -4.95 -40.44 -19.05
CA GLN G 24 -4.31 -39.15 -18.82
C GLN G 24 -4.32 -38.78 -17.35
N TYR G 25 -5.36 -39.17 -16.62
CA TYR G 25 -5.51 -38.75 -15.25
C TYR G 25 -4.97 -39.76 -14.25
N ILE G 26 -4.61 -40.98 -14.68
CA ILE G 26 -4.12 -41.99 -13.76
C ILE G 26 -2.63 -42.28 -13.99
N LEU G 27 -2.13 -42.22 -15.23
CA LEU G 27 -0.71 -42.50 -15.40
C LEU G 27 0.15 -41.47 -14.67
N PRO G 28 1.33 -41.88 -14.21
CA PRO G 28 2.22 -40.96 -13.49
C PRO G 28 3.01 -40.14 -14.51
N LYS G 29 2.36 -39.08 -14.99
CA LYS G 29 2.90 -38.35 -16.12
C LYS G 29 4.24 -37.71 -15.78
N LEU G 30 4.35 -37.10 -14.59
CA LEU G 30 5.61 -36.46 -14.21
C LEU G 30 6.73 -37.48 -14.15
N TRP G 31 6.52 -38.61 -13.49
CA TRP G 31 7.58 -39.61 -13.35
C TRP G 31 7.99 -40.16 -14.72
N LEU G 32 7.03 -40.31 -15.63
CA LEU G 32 7.36 -40.73 -16.98
C LEU G 32 8.20 -39.69 -17.70
N THR G 33 7.85 -38.41 -17.52
CA THR G 33 8.63 -37.34 -18.14
C THR G 33 10.05 -37.32 -17.58
N ARG G 34 10.20 -37.50 -16.26
CA ARG G 34 11.54 -37.54 -15.68
C ARG G 34 12.35 -38.68 -16.27
N LEU G 35 11.72 -39.84 -16.46
CA LEU G 35 12.46 -41.00 -16.97
C LEU G 35 12.82 -40.84 -18.44
N ALA G 36 11.93 -40.24 -19.25
CA ALA G 36 12.31 -39.94 -20.64
C ALA G 36 13.41 -38.91 -20.68
N GLY G 37 13.36 -37.92 -19.79
CA GLY G 37 14.44 -36.94 -19.72
C GLY G 37 15.77 -37.59 -19.39
N TRP G 38 15.78 -38.46 -18.39
CA TRP G 38 17.02 -39.12 -17.99
C TRP G 38 17.63 -39.91 -19.16
N GLY G 39 16.80 -40.63 -19.91
CA GLY G 39 17.32 -41.41 -21.03
C GLY G 39 17.88 -40.52 -22.14
N ALA G 40 17.12 -39.49 -22.53
CA ALA G 40 17.49 -38.53 -23.55
C ALA G 40 18.69 -37.66 -23.16
N SER G 41 19.27 -37.81 -21.99
CA SER G 41 20.47 -37.06 -21.65
C SER G 41 21.71 -37.91 -21.55
N LYS G 42 21.60 -39.22 -21.70
CA LYS G 42 22.73 -40.12 -21.52
C LYS G 42 23.47 -40.31 -22.84
N ARG G 43 24.78 -40.13 -22.83
CA ARG G 43 25.60 -40.36 -24.03
C ARG G 43 25.77 -41.86 -24.22
N ALA G 44 24.77 -42.50 -24.80
CA ALA G 44 24.94 -43.90 -25.16
C ALA G 44 25.56 -43.96 -26.55
N GLY G 45 26.37 -44.98 -26.78
CA GLY G 45 26.99 -45.03 -28.08
C GLY G 45 25.99 -45.41 -29.15
N TRP G 46 26.13 -46.64 -29.64
CA TRP G 46 25.21 -47.19 -30.60
C TRP G 46 23.75 -47.15 -30.13
N LEU G 47 23.50 -47.10 -28.82
CA LEU G 47 22.12 -47.19 -28.33
C LEU G 47 21.37 -45.87 -28.49
N THR G 48 22.03 -44.74 -28.20
CA THR G 48 21.45 -43.43 -28.53
C THR G 48 21.08 -43.36 -30.01
N LYS G 49 21.93 -43.93 -30.89
CA LYS G 49 21.65 -43.85 -32.32
C LYS G 49 20.53 -44.80 -32.71
N LEU G 50 20.53 -46.01 -32.17
CA LEU G 50 19.42 -46.94 -32.38
C LEU G 50 18.07 -46.29 -32.08
N VAL G 51 17.97 -45.52 -30.98
CA VAL G 51 16.72 -44.87 -30.61
C VAL G 51 16.42 -43.70 -31.53
N ILE G 52 17.45 -42.93 -31.91
CA ILE G 52 17.24 -41.84 -32.87
C ILE G 52 16.67 -42.38 -34.17
N ASP G 53 17.28 -43.44 -34.72
CA ASP G 53 16.85 -43.96 -36.02
C ASP G 53 15.42 -44.51 -35.96
N LEU G 54 15.07 -45.20 -34.86
CA LEU G 54 13.68 -45.61 -34.66
C LEU G 54 12.73 -44.42 -34.66
N PHE G 55 13.12 -43.33 -33.98
CA PHE G 55 12.29 -42.13 -33.99
C PHE G 55 12.11 -41.58 -35.39
N VAL G 56 13.23 -41.41 -36.14
CA VAL G 56 13.10 -40.76 -37.44
C VAL G 56 12.36 -41.67 -38.41
N LYS G 57 12.60 -42.99 -38.35
CA LYS G 57 11.78 -43.86 -39.19
C LYS G 57 10.31 -43.75 -38.82
N TYR G 58 9.99 -43.79 -37.51
CA TYR G 58 8.60 -43.87 -37.06
C TYR G 58 7.83 -42.58 -37.37
N TYR G 59 8.37 -41.43 -36.99
CA TYR G 59 7.67 -40.16 -37.20
C TYR G 59 7.98 -39.54 -38.55
N LYS G 60 8.78 -40.21 -39.38
CA LYS G 60 9.18 -39.68 -40.68
C LYS G 60 9.80 -38.30 -40.53
N VAL G 61 10.84 -38.26 -39.71
CA VAL G 61 11.66 -37.05 -39.60
C VAL G 61 12.39 -36.80 -40.92
N ASP G 62 12.48 -35.53 -41.31
CA ASP G 62 13.18 -35.12 -42.53
C ASP G 62 14.59 -34.70 -42.16
N MET G 63 15.51 -35.67 -42.12
CA MET G 63 16.87 -35.34 -41.73
C MET G 63 17.57 -34.41 -42.74
N LYS G 64 17.12 -34.38 -43.99
CA LYS G 64 17.76 -33.52 -44.99
C LYS G 64 17.53 -32.04 -44.71
N GLU G 65 16.60 -31.68 -43.82
CA GLU G 65 16.53 -30.30 -43.37
C GLU G 65 17.49 -30.01 -42.24
N ALA G 66 17.99 -31.04 -41.55
CA ALA G 66 18.87 -30.81 -40.41
C ALA G 66 20.27 -30.40 -40.86
N GLN G 67 20.87 -29.48 -40.11
CA GLN G 67 22.22 -29.05 -40.38
C GLN G 67 23.21 -30.23 -40.31
N LYS G 68 22.90 -31.25 -39.51
CA LYS G 68 23.69 -32.47 -39.41
C LYS G 68 22.82 -33.64 -39.85
N PRO G 69 22.84 -34.01 -41.14
CA PRO G 69 21.93 -35.06 -41.61
C PRO G 69 22.26 -36.45 -41.08
N ASP G 70 23.47 -36.68 -40.60
CA ASP G 70 23.83 -37.99 -40.07
C ASP G 70 23.26 -38.16 -38.65
N THR G 71 22.48 -39.23 -38.44
CA THR G 71 21.98 -39.44 -37.09
C THR G 71 23.10 -39.86 -36.14
N ALA G 72 24.29 -40.15 -36.65
CA ALA G 72 25.40 -40.52 -35.78
C ALA G 72 26.06 -39.33 -35.12
N SER G 73 25.73 -38.10 -35.54
CA SER G 73 26.43 -36.92 -35.04
C SER G 73 25.84 -36.35 -33.76
N TYR G 74 24.72 -36.87 -33.30
CA TYR G 74 24.13 -36.43 -32.04
C TYR G 74 24.53 -37.42 -30.96
N ARG G 75 25.17 -36.93 -29.90
CA ARG G 75 25.60 -37.89 -28.90
C ARG G 75 24.59 -38.12 -27.78
N THR G 76 23.43 -37.45 -27.80
CA THR G 76 22.31 -37.78 -26.92
C THR G 76 21.02 -37.66 -27.72
N PHE G 77 19.97 -38.35 -27.26
CA PHE G 77 18.72 -38.23 -27.98
C PHE G 77 18.20 -36.80 -27.94
N ASN G 78 18.38 -36.13 -26.81
CA ASN G 78 17.87 -34.77 -26.71
C ASN G 78 18.57 -33.85 -27.69
N GLU G 79 19.90 -33.97 -27.80
CA GLU G 79 20.63 -33.22 -28.83
C GLU G 79 20.00 -33.40 -30.19
N PHE G 80 19.64 -34.63 -30.56
CA PHE G 80 18.90 -34.84 -31.80
C PHE G 80 17.54 -34.15 -31.75
N PHE G 81 16.86 -34.14 -30.59
CA PHE G 81 15.50 -33.64 -30.53
C PHE G 81 15.45 -32.14 -30.81
N VAL G 82 16.46 -31.40 -30.34
CA VAL G 82 16.57 -29.96 -30.58
C VAL G 82 17.56 -29.64 -31.72
N ARG G 83 17.69 -30.55 -32.68
CA ARG G 83 18.71 -30.40 -33.73
C ARG G 83 18.57 -29.04 -34.43
N PRO G 84 19.67 -28.37 -34.72
CA PRO G 84 19.61 -27.21 -35.62
C PRO G 84 19.18 -27.62 -37.02
N LEU G 85 18.44 -26.72 -37.67
CA LEU G 85 18.02 -26.87 -39.05
C LEU G 85 19.02 -26.21 -39.98
N ARG G 86 18.84 -26.42 -41.27
CA ARG G 86 19.74 -25.80 -42.21
C ARG G 86 19.40 -24.33 -42.36
N ASP G 87 20.46 -23.54 -42.57
CA ASP G 87 20.35 -22.09 -42.72
C ASP G 87 19.24 -21.70 -43.70
N GLU G 88 19.26 -22.24 -44.92
CA GLU G 88 18.50 -21.69 -46.04
C GLU G 88 17.14 -22.36 -46.28
N VAL G 89 16.69 -23.28 -45.42
CA VAL G 89 15.45 -24.01 -45.67
C VAL G 89 14.26 -23.43 -44.89
N ARG G 90 14.47 -22.31 -44.20
CA ARG G 90 13.38 -21.53 -43.61
C ARG G 90 13.72 -20.04 -43.71
N PRO G 91 13.68 -19.48 -44.92
CA PRO G 91 13.86 -18.04 -45.07
C PRO G 91 12.83 -17.22 -44.29
N ILE G 92 13.27 -16.07 -43.79
CA ILE G 92 12.42 -15.18 -43.02
C ILE G 92 11.88 -14.08 -43.94
N ASP G 93 10.55 -13.92 -43.95
CA ASP G 93 9.91 -12.90 -44.76
C ASP G 93 10.48 -11.51 -44.47
N THR G 94 10.87 -10.81 -45.55
CA THR G 94 11.64 -9.57 -45.47
C THR G 94 10.79 -8.33 -45.20
N ASP G 95 9.48 -8.37 -45.46
CA ASP G 95 8.60 -7.22 -45.25
C ASP G 95 8.59 -6.83 -43.78
N PRO G 96 9.09 -5.63 -43.43
CA PRO G 96 9.21 -5.29 -42.01
C PRO G 96 7.89 -5.15 -41.28
N ASN G 97 6.76 -5.01 -41.99
CA ASN G 97 5.48 -4.87 -41.30
C ASN G 97 4.59 -6.10 -41.47
N VAL G 98 5.21 -7.27 -41.68
CA VAL G 98 4.51 -8.55 -41.52
C VAL G 98 5.20 -9.34 -40.43
N LEU G 99 4.39 -10.07 -39.67
CA LEU G 99 4.85 -10.94 -38.59
C LEU G 99 4.93 -12.38 -39.10
N VAL G 100 5.97 -13.08 -38.68
CA VAL G 100 6.36 -14.37 -39.26
C VAL G 100 6.01 -15.50 -38.29
N MET G 101 5.83 -16.70 -38.84
CA MET G 101 5.41 -17.81 -37.99
C MET G 101 6.55 -18.22 -37.07
N PRO G 102 6.26 -18.54 -35.78
CA PRO G 102 7.32 -18.73 -34.79
C PRO G 102 7.88 -20.15 -34.69
N ALA G 103 7.14 -21.16 -35.19
CA ALA G 103 7.52 -22.54 -34.98
C ALA G 103 7.05 -23.40 -36.15
N ASP G 104 7.83 -24.45 -36.45
CA ASP G 104 7.39 -25.47 -37.40
C ASP G 104 6.32 -26.34 -36.74
N GLY G 105 5.22 -26.56 -37.44
CA GLY G 105 4.21 -27.43 -36.90
C GLY G 105 2.91 -27.22 -37.64
N VAL G 106 1.82 -27.04 -36.90
CA VAL G 106 0.53 -26.95 -37.54
C VAL G 106 -0.44 -26.17 -36.64
N ILE G 107 -1.18 -25.23 -37.22
CA ILE G 107 -2.05 -24.35 -36.43
C ILE G 107 -3.22 -25.14 -35.87
N SER G 108 -3.43 -25.05 -34.55
CA SER G 108 -4.55 -25.75 -33.94
C SER G 108 -5.78 -24.86 -33.81
N GLN G 109 -5.63 -23.66 -33.27
CA GLN G 109 -6.65 -22.64 -33.39
C GLN G 109 -5.96 -21.30 -33.58
N LEU G 110 -6.72 -20.31 -34.06
CA LEU G 110 -6.22 -18.96 -34.20
C LEU G 110 -7.41 -18.05 -34.43
N GLY G 111 -7.23 -16.78 -34.10
CA GLY G 111 -8.28 -15.80 -34.36
C GLY G 111 -8.52 -14.79 -33.26
N LYS G 112 -9.80 -14.49 -33.04
CA LYS G 112 -10.20 -13.38 -32.19
C LYS G 112 -10.30 -13.81 -30.73
N ILE G 113 -9.80 -12.96 -29.84
CA ILE G 113 -9.94 -13.17 -28.41
C ILE G 113 -11.28 -12.56 -28.02
N GLU G 114 -12.31 -13.40 -27.90
CA GLU G 114 -13.65 -12.88 -27.64
C GLU G 114 -13.76 -12.37 -26.20
N GLU G 115 -13.34 -11.13 -25.98
CA GLU G 115 -13.45 -10.47 -24.69
C GLU G 115 -13.01 -11.40 -23.56
N ASP G 116 -11.80 -11.95 -23.69
CA ASP G 116 -11.01 -12.73 -22.73
C ASP G 116 -11.25 -14.24 -22.87
N LYS G 117 -12.06 -14.73 -23.81
CA LYS G 117 -12.19 -16.17 -24.01
C LYS G 117 -11.47 -16.58 -25.29
N ILE G 118 -10.61 -17.60 -25.19
CA ILE G 118 -9.83 -18.14 -26.31
C ILE G 118 -10.35 -19.52 -26.66
N LEU G 119 -10.45 -19.81 -27.97
CA LEU G 119 -10.98 -21.09 -28.41
C LEU G 119 -9.92 -22.17 -28.27
N GLN G 120 -10.29 -23.31 -27.67
CA GLN G 120 -9.41 -24.47 -27.56
C GLN G 120 -9.74 -25.52 -28.60
N ALA G 121 -11.00 -25.95 -28.62
CA ALA G 121 -11.58 -26.78 -29.68
C ALA G 121 -13.04 -26.35 -29.80
N LYS G 122 -13.76 -26.90 -30.77
CA LYS G 122 -15.20 -26.67 -30.81
C LYS G 122 -15.79 -27.25 -29.54
N GLY G 123 -16.39 -26.39 -28.73
CA GLY G 123 -16.99 -26.82 -27.48
C GLY G 123 -16.08 -26.83 -26.29
N HIS G 124 -15.00 -26.05 -26.31
CA HIS G 124 -14.13 -25.91 -25.13
C HIS G 124 -13.41 -24.58 -25.25
N ASN G 125 -13.58 -23.70 -24.26
CA ASN G 125 -12.87 -22.45 -24.18
C ASN G 125 -12.07 -22.37 -22.90
N TYR G 126 -11.08 -21.49 -22.89
CA TYR G 126 -10.35 -21.15 -21.68
C TYR G 126 -10.11 -19.65 -21.66
N SER G 127 -9.90 -19.12 -20.47
CA SER G 127 -9.89 -17.69 -20.28
C SER G 127 -8.48 -17.13 -20.46
N LEU G 128 -8.42 -15.87 -20.91
CA LEU G 128 -7.17 -15.15 -21.00
C LEU G 128 -6.49 -15.00 -19.65
N GLU G 129 -7.26 -14.98 -18.56
CA GLU G 129 -6.65 -14.80 -17.24
C GLU G 129 -6.19 -16.12 -16.64
N ALA G 130 -6.87 -17.22 -16.96
CA ALA G 130 -6.38 -18.53 -16.54
C ALA G 130 -5.04 -18.82 -17.21
N LEU G 131 -4.98 -18.63 -18.55
CA LEU G 131 -3.75 -18.85 -19.28
C LEU G 131 -2.60 -18.08 -18.64
N LEU G 132 -2.86 -16.85 -18.22
CA LEU G 132 -1.82 -15.97 -17.66
C LEU G 132 -1.74 -16.08 -16.14
N ALA G 133 -2.29 -17.15 -15.57
CA ALA G 133 -2.07 -17.52 -14.17
C ALA G 133 -2.61 -16.48 -13.19
N GLY G 134 -3.61 -15.72 -13.61
CA GLY G 134 -4.24 -14.77 -12.72
C GLY G 134 -3.77 -13.34 -12.89
N ASN G 135 -2.72 -13.12 -13.68
CA ASN G 135 -2.19 -11.79 -13.89
C ASN G 135 -3.14 -10.94 -14.74
N TYR G 136 -4.03 -10.19 -14.08
CA TYR G 136 -5.06 -9.43 -14.80
C TYR G 136 -4.46 -8.25 -15.58
N LEU G 137 -3.34 -7.70 -15.12
CA LEU G 137 -2.73 -6.60 -15.84
C LEU G 137 -2.28 -7.05 -17.23
N MET G 138 -1.55 -8.17 -17.30
CA MET G 138 -1.17 -8.71 -18.59
C MET G 138 -2.41 -9.06 -19.42
N ALA G 139 -3.38 -9.72 -18.79
CA ALA G 139 -4.60 -10.09 -19.49
C ALA G 139 -5.26 -8.89 -20.18
N ASP G 140 -5.34 -7.76 -19.47
CA ASP G 140 -6.04 -6.61 -20.02
C ASP G 140 -5.31 -5.98 -21.20
N LEU G 141 -4.04 -6.34 -21.44
CA LEU G 141 -3.38 -5.93 -22.68
C LEU G 141 -3.95 -6.67 -23.88
N PHE G 142 -4.52 -7.85 -23.66
CA PHE G 142 -4.91 -8.72 -24.77
C PHE G 142 -6.39 -9.04 -24.82
N ARG G 143 -7.21 -8.44 -23.95
CA ARG G 143 -8.65 -8.63 -24.06
C ARG G 143 -9.13 -8.09 -25.41
N ASN G 144 -9.89 -8.92 -26.12
CA ASN G 144 -10.37 -8.65 -27.48
C ASN G 144 -9.23 -8.50 -28.47
N GLY G 145 -8.06 -9.07 -28.14
CA GLY G 145 -6.91 -9.07 -29.02
C GLY G 145 -6.94 -10.22 -30.00
N THR G 146 -5.77 -10.66 -30.42
CA THR G 146 -5.66 -11.77 -31.37
C THR G 146 -4.73 -12.83 -30.80
N PHE G 147 -5.03 -14.08 -31.12
CA PHE G 147 -4.22 -15.19 -30.64
C PHE G 147 -4.03 -16.19 -31.76
N VAL G 148 -2.91 -16.90 -31.70
CA VAL G 148 -2.67 -18.06 -32.57
C VAL G 148 -1.92 -19.08 -31.72
N THR G 149 -2.38 -20.33 -31.75
CA THR G 149 -1.69 -21.40 -31.06
C THR G 149 -1.19 -22.41 -32.10
N THR G 150 0.01 -22.91 -31.89
CA THR G 150 0.70 -23.75 -32.84
C THR G 150 1.14 -25.04 -32.16
N TYR G 151 0.76 -26.17 -32.75
CA TYR G 151 1.14 -27.47 -32.22
C TYR G 151 2.40 -27.96 -32.93
N LEU G 152 3.41 -28.32 -32.16
CA LEU G 152 4.65 -28.88 -32.69
C LEU G 152 4.60 -30.40 -32.54
N SER G 153 4.69 -31.10 -33.67
CA SER G 153 4.65 -32.54 -33.77
C SER G 153 5.99 -33.14 -33.32
N PRO G 154 6.05 -34.44 -33.03
CA PRO G 154 7.36 -35.05 -32.75
C PRO G 154 8.28 -35.05 -33.95
N ARG G 155 7.75 -35.01 -35.19
CA ARG G 155 8.64 -34.96 -36.35
C ARG G 155 9.25 -33.58 -36.52
N ASP G 156 8.58 -32.54 -36.02
CA ASP G 156 8.97 -31.17 -36.32
C ASP G 156 10.26 -30.76 -35.60
N TYR G 157 10.90 -29.75 -36.19
CA TYR G 157 11.86 -28.90 -35.49
C TYR G 157 11.24 -28.40 -34.20
N HIS G 158 12.06 -28.29 -33.16
CA HIS G 158 11.57 -28.05 -31.81
C HIS G 158 12.09 -26.76 -31.17
N ARG G 159 12.71 -25.87 -31.95
CA ARG G 159 13.02 -24.56 -31.38
C ARG G 159 12.00 -23.54 -31.85
N VAL G 160 11.95 -22.42 -31.13
CA VAL G 160 10.89 -21.45 -31.30
C VAL G 160 11.54 -20.11 -31.56
N HIS G 161 10.98 -19.35 -32.50
CA HIS G 161 11.67 -18.17 -33.02
C HIS G 161 10.72 -16.98 -33.00
N MET G 162 11.30 -15.76 -33.15
CA MET G 162 10.52 -14.53 -33.00
C MET G 162 9.64 -14.29 -34.25
N PRO G 163 8.36 -13.94 -34.06
CA PRO G 163 7.56 -13.47 -35.20
C PRO G 163 7.96 -12.10 -35.70
N CYS G 164 8.59 -11.28 -34.85
CA CYS G 164 8.92 -9.90 -35.16
C CYS G 164 10.00 -9.46 -34.20
N ASN G 165 10.55 -8.27 -34.44
CA ASN G 165 11.48 -7.69 -33.48
C ASN G 165 10.72 -7.38 -32.21
N GLY G 166 11.35 -7.65 -31.08
CA GLY G 166 10.74 -7.33 -29.80
C GLY G 166 11.79 -7.14 -28.74
N ILE G 167 11.45 -6.34 -27.74
CA ILE G 167 12.25 -6.21 -26.54
C ILE G 167 11.57 -7.01 -25.45
N LEU G 168 12.32 -7.86 -24.77
CA LEU G 168 11.75 -8.70 -23.73
C LEU G 168 11.47 -7.88 -22.49
N ARG G 169 10.26 -7.98 -21.94
CA ARG G 169 9.86 -7.22 -20.76
C ARG G 169 9.61 -8.07 -19.53
N GLU G 170 8.80 -9.12 -19.66
CA GLU G 170 8.45 -10.01 -18.56
C GLU G 170 8.61 -11.45 -19.02
N MET G 171 9.04 -12.30 -18.09
CA MET G 171 8.95 -13.75 -18.23
C MET G 171 8.29 -14.34 -16.99
N ILE G 172 7.29 -15.20 -17.19
CA ILE G 172 6.59 -15.88 -16.10
C ILE G 172 6.72 -17.39 -16.28
N TYR G 173 7.27 -18.06 -15.27
CA TYR G 173 7.19 -19.50 -15.16
C TYR G 173 5.92 -19.89 -14.40
N VAL G 174 5.15 -20.83 -14.96
CA VAL G 174 3.89 -21.24 -14.35
C VAL G 174 3.89 -22.75 -14.14
N PRO G 175 3.89 -23.22 -12.89
CA PRO G 175 3.80 -24.67 -12.66
C PRO G 175 2.45 -25.19 -13.11
N GLY G 176 2.41 -26.48 -13.45
CA GLY G 176 1.16 -27.03 -13.93
C GLY G 176 1.27 -28.51 -14.17
N ASP G 177 0.29 -29.03 -14.88
CA ASP G 177 0.27 -30.45 -15.19
C ASP G 177 1.02 -30.75 -16.49
N LEU G 178 1.09 -32.03 -16.84
CA LEU G 178 1.81 -32.55 -17.99
C LEU G 178 0.91 -33.47 -18.81
N PHE G 179 -0.26 -32.93 -19.15
CA PHE G 179 -1.15 -33.63 -20.06
C PHE G 179 -0.52 -33.74 -21.43
N SER G 180 -0.78 -34.86 -22.10
CA SER G 180 -0.48 -34.92 -23.53
C SER G 180 -1.29 -33.86 -24.27
N VAL G 181 -0.76 -33.41 -25.40
CA VAL G 181 -1.46 -32.45 -26.24
C VAL G 181 -1.63 -33.09 -27.60
N ASN G 182 -2.84 -33.55 -27.88
CA ASN G 182 -3.19 -34.27 -29.10
C ASN G 182 -4.66 -34.00 -29.36
N HIS G 183 -5.19 -34.60 -30.43
CA HIS G 183 -6.56 -34.31 -30.83
C HIS G 183 -7.54 -34.70 -29.73
N LEU G 184 -7.39 -35.90 -29.17
CA LEU G 184 -8.32 -36.38 -28.16
C LEU G 184 -8.31 -35.47 -26.94
N THR G 185 -7.12 -35.07 -26.50
CA THR G 185 -6.96 -34.32 -25.27
C THR G 185 -7.39 -32.86 -25.45
N ALA G 186 -7.28 -32.32 -26.66
CA ALA G 186 -7.72 -30.95 -26.88
C ALA G 186 -9.23 -30.84 -26.88
N GLN G 187 -9.93 -31.92 -27.23
CA GLN G 187 -11.39 -31.92 -27.30
C GLN G 187 -12.05 -32.25 -25.98
N ASN G 188 -11.31 -32.71 -24.99
CA ASN G 188 -11.96 -33.18 -23.78
C ASN G 188 -11.38 -32.61 -22.50
N VAL G 189 -10.07 -32.37 -22.45
CA VAL G 189 -9.45 -31.85 -21.23
C VAL G 189 -9.69 -30.35 -21.13
N PRO G 190 -10.57 -29.89 -20.22
CA PRO G 190 -10.80 -28.44 -20.11
C PRO G 190 -9.56 -27.72 -19.60
N ASN G 191 -9.34 -26.51 -20.12
CA ASN G 191 -8.22 -25.65 -19.71
C ASN G 191 -6.83 -26.28 -20.02
N LEU G 192 -6.76 -27.16 -21.02
CA LEU G 192 -5.54 -27.91 -21.27
C LEU G 192 -4.29 -27.02 -21.30
N PHE G 193 -4.36 -25.86 -21.96
CA PHE G 193 -3.20 -24.99 -22.00
C PHE G 193 -3.07 -24.08 -20.80
N ALA G 194 -4.16 -23.84 -20.07
CA ALA G 194 -4.05 -23.06 -18.84
C ALA G 194 -3.70 -23.92 -17.64
N ARG G 195 -3.68 -25.25 -17.81
CA ARG G 195 -3.30 -26.25 -16.83
C ARG G 195 -1.85 -26.67 -16.92
N ASN G 196 -1.34 -26.85 -18.13
CA ASN G 196 -0.01 -27.43 -18.32
C ASN G 196 1.07 -26.44 -17.94
N GLU G 197 2.16 -26.96 -17.38
CA GLU G 197 3.36 -26.16 -17.14
C GLU G 197 3.73 -25.35 -18.39
N ARG G 198 4.14 -24.09 -18.19
CA ARG G 198 4.41 -23.22 -19.32
C ARG G 198 5.25 -22.03 -18.87
N VAL G 199 6.01 -21.45 -19.80
CA VAL G 199 6.64 -20.16 -19.57
C VAL G 199 6.01 -19.15 -20.52
N ILE G 200 5.63 -18.01 -19.95
CA ILE G 200 5.08 -16.86 -20.66
C ILE G 200 6.23 -15.87 -20.89
N CYS G 201 6.31 -15.32 -22.11
CA CYS G 201 7.25 -14.24 -22.42
C CYS G 201 6.51 -13.07 -23.04
N LEU G 202 6.72 -11.88 -22.49
CA LEU G 202 6.01 -10.69 -22.96
C LEU G 202 7.01 -9.71 -23.58
N PHE G 203 6.66 -9.21 -24.76
CA PHE G 203 7.56 -8.36 -25.53
C PHE G 203 6.91 -7.02 -25.83
N ASP G 204 7.70 -5.96 -25.75
CA ASP G 204 7.38 -4.73 -26.48
C ASP G 204 7.81 -4.90 -27.93
N THR G 205 6.88 -4.69 -28.86
CA THR G 205 7.15 -4.74 -30.29
C THR G 205 6.48 -3.54 -30.96
N GLU G 206 6.87 -3.31 -32.22
CA GLU G 206 6.28 -2.23 -33.01
C GLU G 206 4.78 -2.42 -33.25
N PHE G 207 4.23 -3.60 -32.96
CA PHE G 207 2.81 -3.86 -33.13
C PHE G 207 2.08 -3.92 -31.79
N GLY G 208 2.69 -3.40 -30.74
CA GLY G 208 2.09 -3.45 -29.42
C GLY G 208 2.82 -4.42 -28.54
N PRO G 209 2.22 -4.74 -27.39
CA PRO G 209 2.76 -5.82 -26.55
C PRO G 209 2.49 -7.17 -27.20
N MET G 210 3.40 -8.11 -26.98
CA MET G 210 3.18 -9.45 -27.49
C MET G 210 3.64 -10.50 -26.49
N ALA G 211 2.88 -11.59 -26.40
CA ALA G 211 3.19 -12.73 -25.54
C ALA G 211 3.50 -13.93 -26.41
N GLN G 212 4.55 -14.65 -26.07
CA GLN G 212 4.86 -15.92 -26.72
C GLN G 212 4.99 -16.97 -25.63
N ILE G 213 4.02 -17.90 -25.57
CA ILE G 213 3.89 -18.88 -24.50
C ILE G 213 4.45 -20.21 -24.98
N LEU G 214 5.36 -20.79 -24.21
CA LEU G 214 5.88 -22.14 -24.47
C LEU G 214 5.19 -23.07 -23.47
N VAL G 215 4.32 -23.95 -23.96
CA VAL G 215 3.57 -24.86 -23.10
C VAL G 215 4.09 -26.27 -23.28
N GLY G 216 4.48 -26.91 -22.19
CA GLY G 216 4.96 -28.28 -22.25
C GLY G 216 3.85 -29.32 -22.29
N ALA G 217 4.27 -30.58 -22.39
CA ALA G 217 3.39 -31.72 -22.55
C ALA G 217 4.05 -32.94 -21.93
N THR G 218 3.34 -34.05 -21.87
CA THR G 218 3.95 -35.26 -21.35
C THR G 218 5.19 -35.57 -22.16
N ILE G 219 6.27 -35.94 -21.46
CA ILE G 219 7.56 -36.29 -22.06
C ILE G 219 8.28 -35.03 -22.53
N VAL G 220 7.63 -34.24 -23.40
CA VAL G 220 8.20 -32.99 -23.87
C VAL G 220 7.83 -31.87 -22.90
N GLY G 221 8.48 -31.87 -21.74
CA GLY G 221 8.08 -30.99 -20.66
C GLY G 221 9.21 -30.10 -20.20
N SER G 222 10.34 -30.10 -20.92
CA SER G 222 11.46 -29.22 -20.61
C SER G 222 11.42 -28.03 -21.56
N ILE G 223 11.53 -26.83 -20.99
CA ILE G 223 11.41 -25.58 -21.71
C ILE G 223 12.65 -24.75 -21.42
N GLU G 224 13.21 -24.15 -22.46
CA GLU G 224 14.31 -23.20 -22.25
C GLU G 224 14.16 -22.03 -23.20
N THR G 225 14.70 -20.89 -22.77
CA THR G 225 14.82 -19.69 -23.58
C THR G 225 16.28 -19.28 -23.72
N VAL G 226 16.57 -18.55 -24.80
CA VAL G 226 17.97 -18.25 -25.17
C VAL G 226 18.62 -17.32 -24.16
N TRP G 227 17.83 -16.45 -23.51
CA TRP G 227 18.39 -15.61 -22.46
C TRP G 227 18.59 -16.35 -21.14
N ALA G 228 17.81 -17.38 -20.84
CA ALA G 228 17.91 -17.99 -19.52
C ALA G 228 18.44 -19.41 -19.51
N GLY G 229 18.51 -20.10 -20.65
CA GLY G 229 18.78 -21.52 -20.57
C GLY G 229 17.52 -22.24 -20.08
N THR G 230 17.73 -23.38 -19.43
CA THR G 230 16.62 -24.26 -19.06
C THR G 230 15.85 -23.68 -17.88
N ILE G 231 14.58 -23.31 -18.11
CA ILE G 231 13.70 -22.87 -17.05
C ILE G 231 13.25 -24.03 -16.19
N THR G 232 12.88 -25.15 -16.82
CA THR G 232 12.35 -26.32 -16.18
C THR G 232 12.84 -27.54 -16.95
N PRO G 233 13.26 -28.60 -16.25
CA PRO G 233 13.28 -28.81 -14.79
C PRO G 233 14.46 -28.04 -14.19
N PRO G 234 14.61 -27.99 -12.85
CA PRO G 234 13.78 -28.55 -11.76
C PRO G 234 12.35 -28.02 -11.79
N ARG G 235 11.44 -28.71 -11.11
CA ARG G 235 10.05 -28.26 -11.00
C ARG G 235 9.83 -27.92 -9.54
N GLU G 236 10.01 -26.64 -9.21
CA GLU G 236 10.02 -26.19 -7.82
C GLU G 236 8.62 -25.91 -7.27
N GLY G 237 7.60 -25.86 -8.11
CA GLY G 237 6.23 -25.81 -7.67
C GLY G 237 5.61 -24.44 -7.54
N ILE G 238 6.37 -23.37 -7.71
CA ILE G 238 5.86 -22.03 -7.49
C ILE G 238 5.89 -21.26 -8.79
N ILE G 239 5.32 -20.07 -8.77
CA ILE G 239 5.33 -19.16 -9.89
C ILE G 239 6.48 -18.19 -9.71
N LYS G 240 7.20 -17.94 -10.81
CA LYS G 240 8.37 -17.06 -10.83
C LYS G 240 8.18 -16.02 -11.91
N ARG G 241 8.47 -14.76 -11.56
CA ARG G 241 8.41 -13.64 -12.48
C ARG G 241 9.76 -12.95 -12.54
N TRP G 242 10.23 -12.71 -13.77
CA TRP G 242 11.47 -11.97 -14.05
C TRP G 242 11.14 -10.78 -14.95
N THR G 243 11.84 -9.66 -14.76
CA THR G 243 11.56 -8.42 -15.48
C THR G 243 12.78 -7.92 -16.25
N TRP G 244 12.52 -7.10 -17.27
CA TRP G 244 13.58 -6.55 -18.12
C TRP G 244 13.28 -5.11 -18.54
N PRO G 245 14.30 -4.26 -18.58
CA PRO G 245 14.12 -2.83 -18.88
C PRO G 245 13.45 -2.60 -20.24
N ALA G 246 12.99 -1.36 -20.44
CA ALA G 246 12.17 -0.95 -21.59
C ALA G 246 12.82 -1.14 -22.94
N GLY G 247 14.05 -1.63 -22.97
CA GLY G 247 14.76 -1.65 -24.24
C GLY G 247 15.24 -0.25 -24.57
N GLU G 248 16.46 -0.11 -25.07
CA GLU G 248 17.11 1.18 -25.06
C GLU G 248 17.41 1.57 -23.61
N ASN G 249 18.20 0.71 -22.96
CA ASN G 249 18.51 0.81 -21.53
C ASN G 249 19.58 -0.21 -21.18
N ASP G 250 20.26 0.01 -20.06
CA ASP G 250 21.20 -0.95 -19.52
C ASP G 250 20.48 -2.26 -19.21
N GLY G 251 21.10 -3.38 -19.62
CA GLY G 251 20.55 -4.68 -19.33
C GLY G 251 19.36 -5.13 -20.17
N SER G 252 18.85 -4.28 -21.07
CA SER G 252 17.75 -4.71 -21.92
C SER G 252 18.16 -5.87 -22.83
N VAL G 253 17.15 -6.57 -23.33
CA VAL G 253 17.34 -7.78 -24.12
C VAL G 253 16.50 -7.62 -25.36
N ALA G 254 17.15 -7.73 -26.53
CA ALA G 254 16.52 -7.49 -27.82
C ALA G 254 16.70 -8.71 -28.71
N LEU G 255 15.65 -9.03 -29.46
CA LEU G 255 15.66 -10.15 -30.40
C LEU G 255 15.02 -9.71 -31.70
N LEU G 256 15.65 -10.07 -32.82
CA LEU G 256 15.14 -9.72 -34.14
C LEU G 256 14.21 -10.80 -34.66
N LYS G 257 13.31 -10.39 -35.55
CA LYS G 257 12.40 -11.31 -36.20
C LYS G 257 13.15 -12.53 -36.73
N GLY G 258 12.58 -13.71 -36.55
CA GLY G 258 13.20 -14.94 -36.99
C GLY G 258 14.28 -15.48 -36.09
N GLN G 259 14.76 -14.70 -35.13
CA GLN G 259 15.77 -15.18 -34.19
C GLN G 259 15.21 -16.28 -33.28
N GLU G 260 16.07 -17.27 -32.97
CA GLU G 260 15.72 -18.29 -31.99
C GLU G 260 15.57 -17.67 -30.61
N MET G 261 14.41 -17.88 -29.97
CA MET G 261 14.17 -17.47 -28.59
C MET G 261 14.16 -18.60 -27.58
N GLY G 262 13.77 -19.80 -28.01
CA GLY G 262 13.60 -20.90 -27.07
C GLY G 262 13.37 -22.20 -27.80
N ARG G 263 13.14 -23.25 -27.00
CA ARG G 263 13.03 -24.60 -27.52
C ARG G 263 12.36 -25.49 -26.49
N PHE G 264 11.91 -26.66 -26.96
CA PHE G 264 11.34 -27.71 -26.13
C PHE G 264 12.25 -28.93 -26.16
N LYS G 265 12.14 -29.74 -25.11
CA LYS G 265 13.09 -30.79 -24.85
C LYS G 265 12.42 -31.82 -23.94
N LEU G 266 13.01 -33.01 -23.88
CA LEU G 266 12.44 -34.08 -23.07
C LEU G 266 12.97 -33.96 -21.64
N GLY G 267 12.07 -34.16 -20.65
CA GLY G 267 12.48 -34.13 -19.25
C GLY G 267 11.75 -33.15 -18.33
N THR H 2 3.83 -26.71 -27.56
CA THR H 2 2.81 -25.80 -28.07
C THR H 2 3.29 -24.38 -27.86
N VAL H 3 3.04 -23.50 -28.83
CA VAL H 3 3.39 -22.10 -28.71
C VAL H 3 2.12 -21.29 -28.95
N ILE H 4 1.80 -20.42 -28.00
CA ILE H 4 0.62 -19.58 -28.07
C ILE H 4 1.10 -18.15 -28.16
N ASN H 5 0.63 -17.42 -29.17
CA ASN H 5 0.91 -16.00 -29.34
C ASN H 5 -0.31 -15.18 -28.97
N LEU H 6 -0.07 -13.98 -28.44
CA LEU H 6 -1.13 -13.05 -28.07
C LEU H 6 -0.76 -11.64 -28.56
N PHE H 7 -1.71 -10.98 -29.21
CA PHE H 7 -1.52 -9.67 -29.80
C PHE H 7 -2.55 -8.69 -29.27
N ALA H 8 -2.12 -7.43 -29.07
CA ALA H 8 -3.03 -6.39 -28.59
C ALA H 8 -4.18 -6.25 -29.58
N PRO H 9 -5.33 -5.75 -29.12
CA PRO H 9 -6.50 -5.67 -30.01
C PRO H 9 -6.28 -4.70 -31.17
N GLY H 10 -6.60 -5.16 -32.38
CA GLY H 10 -6.59 -4.30 -33.56
C GLY H 10 -5.25 -3.76 -34.01
N LYS H 11 -4.15 -4.24 -33.44
CA LYS H 11 -2.83 -3.80 -33.86
C LYS H 11 -2.24 -4.67 -34.98
N VAL H 12 -2.94 -5.73 -35.38
CA VAL H 12 -2.37 -6.80 -36.19
C VAL H 12 -3.51 -7.57 -36.86
N ASN H 13 -3.30 -7.98 -38.13
CA ASN H 13 -4.29 -8.75 -38.87
C ASN H 13 -3.69 -10.06 -39.36
N LEU H 14 -4.43 -11.17 -39.18
CA LEU H 14 -3.92 -12.50 -39.47
C LEU H 14 -4.15 -12.87 -40.93
N VAL H 15 -3.17 -13.58 -41.51
CA VAL H 15 -3.27 -14.06 -42.89
C VAL H 15 -4.58 -14.83 -43.09
N GLU H 16 -5.45 -14.31 -43.97
CA GLU H 16 -6.76 -14.89 -44.17
C GLU H 16 -6.71 -16.31 -44.73
N GLN H 17 -5.55 -16.78 -45.18
CA GLN H 17 -5.47 -18.13 -45.74
C GLN H 17 -5.38 -19.19 -44.66
N LEU H 18 -4.89 -18.84 -43.47
CA LEU H 18 -4.61 -19.78 -42.40
C LEU H 18 -5.85 -20.11 -41.59
N GLU H 19 -6.05 -21.39 -41.32
CA GLU H 19 -7.13 -21.92 -40.51
C GLU H 19 -6.57 -23.07 -39.69
N SER H 20 -7.42 -23.75 -38.94
CA SER H 20 -6.95 -24.89 -38.14
C SER H 20 -6.43 -25.97 -39.08
N LEU H 21 -5.27 -26.54 -38.71
CA LEU H 21 -4.58 -27.66 -39.37
C LEU H 21 -3.68 -27.19 -40.51
N SER H 22 -3.56 -25.87 -40.71
CA SER H 22 -2.60 -25.34 -41.66
C SER H 22 -1.16 -25.61 -41.20
N VAL H 23 -0.33 -26.04 -42.15
CA VAL H 23 1.08 -26.28 -41.86
C VAL H 23 1.79 -24.95 -41.59
N THR H 24 2.68 -24.96 -40.61
CA THR H 24 3.50 -23.79 -40.27
C THR H 24 4.97 -24.12 -40.45
N LYS H 25 5.70 -23.22 -41.12
CA LYS H 25 7.15 -23.23 -41.24
C LYS H 25 7.70 -21.93 -40.69
N ILE H 26 8.83 -22.02 -39.98
CA ILE H 26 9.41 -20.91 -39.22
C ILE H 26 9.49 -19.61 -40.02
N GLY H 27 9.63 -19.68 -41.33
CA GLY H 27 9.80 -18.42 -42.03
C GLY H 27 8.55 -17.73 -42.55
N GLN H 28 7.50 -18.49 -42.81
CA GLN H 28 6.39 -18.00 -43.62
C GLN H 28 5.59 -16.96 -42.86
N PRO H 29 4.73 -16.19 -43.54
CA PRO H 29 4.06 -15.08 -42.87
C PRO H 29 2.83 -15.51 -42.09
N LEU H 30 2.62 -14.81 -40.98
CA LEU H 30 1.51 -15.06 -40.07
C LEU H 30 0.54 -13.89 -39.98
N ALA H 31 1.06 -12.67 -39.83
CA ALA H 31 0.20 -11.51 -39.63
C ALA H 31 0.81 -10.27 -40.26
N VAL H 32 -0.03 -9.25 -40.43
CA VAL H 32 0.33 -7.99 -41.08
C VAL H 32 -0.17 -6.84 -40.22
N SER H 33 0.65 -5.79 -40.11
CA SER H 33 0.25 -4.60 -39.39
C SER H 33 -1.05 -4.02 -39.97
N THR H 34 -1.64 -3.09 -39.23
CA THR H 34 -2.80 -2.34 -39.67
C THR H 34 -2.51 -0.85 -39.87
N GLU H 35 -1.24 -0.48 -40.00
CA GLU H 35 -0.85 0.90 -40.29
C GLU H 35 0.55 0.92 -40.91
#